data_6D4C
#
_entry.id   6D4C
#
_cell.length_a   51.188
_cell.length_b   115.899
_cell.length_c   65.469
_cell.angle_alpha   90.00
_cell.angle_beta   108.56
_cell.angle_gamma   90.00
#
_symmetry.space_group_name_H-M   'P 1 21 1'
#
loop_
_entity.id
_entity.type
_entity.pdbx_description
1 polymer 'Formate dehydrogenase'
2 non-polymer NICOTINAMIDE-ADENINE-DINUCLEOTIDE
3 non-polymer 'AZIDE ION'
4 non-polymer 'CHLORIDE ION'
5 water water
#
_entity_poly.entity_id   1
_entity_poly.type   'polypeptide(L)'
_entity_poly.pdbx_seq_one_letter_code
;MKIVLVLYDAGKHAADEEKLYGCTENKLGIANWLKDQGHELITTSDKEGGNSVLDQHIPDADIIITTPFHPAYITKERID
KAKKLKLVVVAGVGSDHIDLDYINQTGKKISVLEVTGSNVVSGAEHVLMTMLVLVRNFVPAHEQIINHDWEVAAIAKDAY
DIEGKTIATIGAGRIGYRVLERLVPFNPKELLYYDYQALPKDAEEKVGARRVENIEELVAQADIVTINAPLHAGTKGLIN
KELLSKFKKGAWLVNTARGAICVAEDVAAALESGQLRGYGGDVWFPQPAPKDHPWRDMRNKYGAGNAMTPHYSGTTLDAQ
TRYAEGTKNILESFFTGKFDYRPQDIILLNGEYITKAYGKHDKK
;
_entity_poly.pdbx_strand_id   A,B
#
loop_
_chem_comp.id
_chem_comp.type
_chem_comp.name
_chem_comp.formula
AZI non-polymer 'AZIDE ION' 'N3 -1'
CL non-polymer 'CHLORIDE ION' 'Cl -1'
NAD non-polymer NICOTINAMIDE-ADENINE-DINUCLEOTIDE 'C21 H27 N7 O14 P2'
#
# COMPACT_ATOMS: atom_id res chain seq x y z
N MET A 1 5.38 -41.28 -17.03
CA MET A 1 6.05 -40.18 -17.75
C MET A 1 7.02 -39.47 -16.84
N LYS A 2 8.00 -38.81 -17.45
CA LYS A 2 9.01 -38.06 -16.73
C LYS A 2 8.62 -36.59 -16.71
N ILE A 3 8.55 -36.02 -15.51
CA ILE A 3 8.09 -34.66 -15.28
C ILE A 3 9.24 -33.93 -14.60
N VAL A 4 9.69 -32.82 -15.19
CA VAL A 4 10.69 -31.94 -14.58
C VAL A 4 9.97 -30.71 -14.05
N LEU A 5 10.15 -30.45 -12.76
CA LEU A 5 9.47 -29.37 -12.02
C LEU A 5 10.53 -28.39 -11.54
N VAL A 6 10.46 -27.15 -12.03
CA VAL A 6 11.44 -26.11 -11.68
C VAL A 6 10.73 -25.07 -10.83
N LEU A 7 11.16 -24.94 -9.58
CA LEU A 7 10.59 -24.01 -8.62
C LEU A 7 11.73 -23.30 -7.91
N TYR A 8 11.38 -22.29 -7.13
CA TYR A 8 12.38 -21.65 -6.29
C TYR A 8 12.67 -22.51 -5.06
N ASP A 9 13.89 -22.41 -4.55
CA ASP A 9 14.23 -23.08 -3.30
C ASP A 9 13.78 -22.20 -2.14
N ALA A 10 13.15 -22.80 -1.13
CA ALA A 10 12.85 -22.05 0.08
C ALA A 10 14.01 -22.04 1.05
N GLY A 11 14.96 -22.98 0.93
CA GLY A 11 16.07 -23.05 1.87
C GLY A 11 15.56 -23.09 3.29
N LYS A 12 16.15 -22.23 4.14
CA LYS A 12 15.79 -22.26 5.55
C LYS A 12 14.35 -21.84 5.80
N HIS A 13 13.71 -21.16 4.85
CA HIS A 13 12.36 -20.67 5.07
C HIS A 13 11.32 -21.77 4.98
N ALA A 14 11.66 -22.91 4.36
CA ALA A 14 10.72 -24.02 4.31
C ALA A 14 10.33 -24.47 5.71
N ALA A 15 11.25 -24.40 6.66
CA ALA A 15 10.95 -24.84 8.01
C ALA A 15 10.01 -23.88 8.73
N ASP A 16 9.81 -22.68 8.19
CA ASP A 16 8.97 -21.69 8.84
C ASP A 16 7.50 -21.75 8.44
N GLU A 17 7.16 -22.33 7.28
CA GLU A 17 5.79 -22.20 6.78
C GLU A 17 5.45 -23.41 5.92
N GLU A 18 4.54 -24.26 6.42
CA GLU A 18 4.15 -25.48 5.70
C GLU A 18 3.27 -25.17 4.49
N LYS A 19 2.67 -23.99 4.40
CA LYS A 19 1.79 -23.65 3.30
C LYS A 19 2.56 -23.16 2.08
N LEU A 20 3.89 -23.16 2.12
CA LEU A 20 4.76 -22.72 1.03
C LEU A 20 4.89 -23.85 0.02
N TYR A 21 3.81 -24.12 -0.69
CA TYR A 21 3.81 -25.24 -1.63
C TYR A 21 4.64 -24.96 -2.87
N GLY A 22 4.85 -23.69 -3.22
CA GLY A 22 5.46 -23.37 -4.49
C GLY A 22 6.96 -23.43 -4.58
N CYS A 23 7.61 -24.12 -3.65
CA CYS A 23 9.05 -24.28 -3.60
C CYS A 23 9.46 -25.72 -3.88
N THR A 24 10.75 -25.90 -4.17
CA THR A 24 11.25 -27.21 -4.53
C THR A 24 11.10 -28.20 -3.38
N GLU A 25 11.20 -27.72 -2.14
CA GLU A 25 11.10 -28.63 -1.02
C GLU A 25 9.73 -29.29 -0.96
N ASN A 26 8.68 -28.57 -1.40
CA ASN A 26 7.32 -29.02 -1.21
C ASN A 26 6.58 -29.41 -2.49
N LYS A 27 7.14 -29.11 -3.67
CA LYS A 27 6.71 -29.73 -4.93
C LYS A 27 5.23 -29.49 -5.24
N LEU A 28 4.74 -28.28 -4.96
CA LEU A 28 3.36 -27.87 -5.18
C LEU A 28 2.36 -28.71 -4.38
N GLY A 29 2.84 -29.54 -3.46
CA GLY A 29 1.98 -30.43 -2.73
C GLY A 29 1.33 -31.51 -3.56
N ILE A 30 1.87 -31.82 -4.73
CA ILE A 30 1.26 -32.79 -5.64
C ILE A 30 2.16 -34.01 -5.86
N ALA A 31 3.22 -34.15 -5.07
CA ALA A 31 4.16 -35.24 -5.29
C ALA A 31 3.53 -36.59 -4.97
N ASN A 32 2.75 -36.70 -3.90
CA ASN A 32 2.10 -37.96 -3.56
C ASN A 32 1.22 -38.41 -4.72
N TRP A 33 0.47 -37.47 -5.28
CA TRP A 33 -0.43 -37.78 -6.38
C TRP A 33 0.35 -38.21 -7.62
N LEU A 34 1.45 -37.52 -7.93
CA LEU A 34 2.22 -37.90 -9.12
C LEU A 34 2.85 -39.28 -8.94
N LYS A 35 3.32 -39.59 -7.73
CA LYS A 35 3.90 -40.91 -7.49
C LYS A 35 2.84 -41.99 -7.63
N ASP A 36 1.67 -41.78 -7.04
CA ASP A 36 0.60 -42.77 -7.15
C ASP A 36 0.13 -42.94 -8.59
N GLN A 37 0.15 -41.86 -9.38
CA GLN A 37 -0.23 -41.93 -10.78
C GLN A 37 0.82 -42.62 -11.64
N GLY A 38 1.98 -42.97 -11.07
CA GLY A 38 3.00 -43.72 -11.79
C GLY A 38 4.03 -42.90 -12.53
N HIS A 39 4.23 -41.63 -12.19
CA HIS A 39 5.15 -40.79 -12.90
C HIS A 39 6.44 -40.56 -12.12
N GLU A 40 7.48 -40.19 -12.85
CA GLU A 40 8.78 -39.84 -12.29
C GLU A 40 8.88 -38.31 -12.22
N LEU A 41 9.14 -37.79 -11.02
CA LEU A 41 9.23 -36.35 -10.81
C LEU A 41 10.66 -35.97 -10.45
N ILE A 42 11.26 -35.10 -11.27
CA ILE A 42 12.52 -34.45 -10.96
C ILE A 42 12.21 -33.03 -10.57
N THR A 43 12.68 -32.60 -9.40
CA THR A 43 12.44 -31.27 -8.89
C THR A 43 13.76 -30.57 -8.71
N THR A 44 13.85 -29.34 -9.23
CA THR A 44 15.10 -28.61 -9.09
C THR A 44 14.82 -27.10 -9.19
N SER A 45 15.74 -26.31 -8.65
CA SER A 45 15.82 -24.86 -8.90
C SER A 45 16.99 -24.49 -9.80
N ASP A 46 17.78 -25.47 -10.21
CA ASP A 46 19.02 -25.27 -10.95
C ASP A 46 18.68 -25.19 -12.43
N LYS A 47 18.56 -23.95 -12.94
CA LYS A 47 17.96 -23.69 -14.24
C LYS A 47 18.86 -22.89 -15.17
N GLU A 48 20.06 -22.53 -14.75
CA GLU A 48 20.98 -21.74 -15.56
C GLU A 48 22.27 -22.52 -15.76
N GLY A 49 22.84 -22.41 -16.95
CA GLY A 49 24.11 -23.06 -17.20
C GLY A 49 23.98 -24.36 -17.97
N GLY A 50 24.91 -24.58 -18.91
CA GLY A 50 24.81 -25.71 -19.82
C GLY A 50 24.64 -27.06 -19.14
N ASN A 51 25.21 -27.22 -17.94
CA ASN A 51 25.12 -28.50 -17.23
C ASN A 51 24.19 -28.45 -16.01
N SER A 52 23.23 -27.53 -16.02
CA SER A 52 22.25 -27.47 -14.94
C SER A 52 21.42 -28.75 -14.89
N VAL A 53 20.79 -29.00 -13.73
CA VAL A 53 19.91 -30.15 -13.59
C VAL A 53 18.78 -30.07 -14.60
N LEU A 54 18.23 -28.88 -14.81
CA LEU A 54 17.23 -28.71 -15.85
C LEU A 54 17.73 -29.26 -17.18
N ASP A 55 18.89 -28.81 -17.62
CA ASP A 55 19.38 -29.23 -18.94
C ASP A 55 19.71 -30.71 -18.98
N GLN A 56 20.12 -31.31 -17.85
CA GLN A 56 20.40 -32.73 -17.87
C GLN A 56 19.16 -33.55 -18.19
N HIS A 57 17.97 -33.06 -17.80
CA HIS A 57 16.74 -33.83 -17.95
C HIS A 57 15.85 -33.37 -19.08
N ILE A 58 16.18 -32.26 -19.74
CA ILE A 58 15.38 -31.79 -20.88
C ILE A 58 15.26 -32.85 -21.96
N PRO A 59 16.33 -33.58 -22.31
CA PRO A 59 16.24 -34.48 -23.48
C PRO A 59 15.15 -35.54 -23.41
N ASP A 60 14.77 -36.02 -22.23
CA ASP A 60 13.70 -37.02 -22.20
C ASP A 60 12.52 -36.65 -21.29
N ALA A 61 12.36 -35.39 -20.94
CA ALA A 61 11.18 -34.98 -20.18
C ALA A 61 9.94 -34.99 -21.07
N ASP A 62 8.86 -35.65 -20.62
CA ASP A 62 7.58 -35.54 -21.30
C ASP A 62 6.87 -34.23 -20.96
N ILE A 63 7.06 -33.76 -19.74
CA ILE A 63 6.36 -32.58 -19.21
C ILE A 63 7.38 -31.76 -18.45
N ILE A 64 7.32 -30.45 -18.61
CA ILE A 64 8.06 -29.52 -17.78
C ILE A 64 7.05 -28.61 -17.09
N ILE A 65 7.14 -28.55 -15.76
CA ILE A 65 6.37 -27.63 -14.96
C ILE A 65 7.27 -26.50 -14.52
N THR A 66 6.85 -25.28 -14.79
CA THR A 66 7.61 -24.07 -14.48
C THR A 66 6.80 -23.21 -13.53
N THR A 67 7.44 -22.13 -13.04
CA THR A 67 6.74 -21.15 -12.24
C THR A 67 7.35 -19.77 -12.53
N PRO A 68 6.53 -18.73 -12.69
CA PRO A 68 7.10 -17.43 -13.14
C PRO A 68 8.09 -16.83 -12.18
N PHE A 69 7.97 -17.15 -10.88
CA PHE A 69 8.77 -16.48 -9.86
C PHE A 69 10.22 -16.95 -9.87
N HIS A 70 10.46 -18.12 -10.48
CA HIS A 70 11.80 -18.65 -10.69
C HIS A 70 11.79 -19.34 -12.04
N PRO A 71 11.82 -18.58 -13.12
CA PRO A 71 11.34 -19.14 -14.39
C PRO A 71 12.38 -19.94 -15.15
N ALA A 72 12.09 -21.18 -15.47
CA ALA A 72 12.91 -21.93 -16.41
C ALA A 72 12.72 -21.33 -17.80
N TYR A 73 13.80 -20.80 -18.37
CA TYR A 73 13.69 -20.17 -19.69
C TYR A 73 13.76 -21.27 -20.74
N ILE A 74 12.59 -21.60 -21.31
CA ILE A 74 12.47 -22.72 -22.24
C ILE A 74 12.70 -22.14 -23.64
N THR A 75 13.98 -21.98 -23.96
CA THR A 75 14.48 -21.32 -25.14
C THR A 75 14.41 -22.24 -26.34
N LYS A 76 14.59 -21.63 -27.52
CA LYS A 76 14.70 -22.40 -28.76
C LYS A 76 15.72 -23.52 -28.61
N GLU A 77 16.89 -23.19 -28.05
CA GLU A 77 17.95 -24.19 -27.90
C GLU A 77 17.50 -25.36 -27.03
N ARG A 78 16.78 -25.08 -25.95
CA ARG A 78 16.27 -26.14 -25.09
C ARG A 78 15.15 -26.93 -25.77
N ILE A 79 14.26 -26.23 -26.48
CA ILE A 79 13.16 -26.92 -27.16
C ILE A 79 13.70 -27.92 -28.17
N ASP A 80 14.75 -27.54 -28.90
CA ASP A 80 15.30 -28.43 -29.92
C ASP A 80 15.85 -29.71 -29.31
N LYS A 81 16.37 -29.65 -28.09
CA LYS A 81 16.89 -30.85 -27.43
C LYS A 81 15.81 -31.66 -26.72
N ALA A 82 14.63 -31.09 -26.52
CA ALA A 82 13.58 -31.69 -25.71
C ALA A 82 12.76 -32.65 -26.59
N LYS A 83 13.33 -33.83 -26.80
CA LYS A 83 12.82 -34.73 -27.82
C LYS A 83 11.50 -35.38 -27.43
N LYS A 84 11.17 -35.44 -26.15
CA LYS A 84 9.91 -36.05 -25.72
C LYS A 84 8.90 -35.03 -25.20
N LEU A 85 9.22 -33.75 -25.27
CA LEU A 85 8.40 -32.74 -24.61
C LEU A 85 7.05 -32.60 -25.31
N LYS A 86 5.97 -32.78 -24.55
CA LYS A 86 4.62 -32.63 -25.07
C LYS A 86 3.84 -31.51 -24.38
N LEU A 87 4.23 -31.11 -23.18
CA LEU A 87 3.45 -30.17 -22.40
C LEU A 87 4.38 -29.37 -21.50
N VAL A 88 4.20 -28.06 -21.48
CA VAL A 88 4.83 -27.17 -20.50
C VAL A 88 3.70 -26.54 -19.70
N VAL A 89 3.79 -26.64 -18.38
CA VAL A 89 2.79 -26.04 -17.49
C VAL A 89 3.44 -24.88 -16.75
N VAL A 90 2.66 -23.83 -16.52
CA VAL A 90 3.06 -22.69 -15.71
C VAL A 90 2.22 -22.69 -14.43
N ALA A 91 2.90 -22.91 -13.31
CA ALA A 91 2.29 -22.87 -11.98
C ALA A 91 2.29 -21.41 -11.58
N GLY A 92 1.26 -20.69 -12.02
CA GLY A 92 1.16 -19.26 -12.00
C GLY A 92 0.53 -18.78 -13.29
N VAL A 93 0.82 -17.53 -13.63
CA VAL A 93 0.23 -16.86 -14.79
C VAL A 93 1.36 -16.15 -15.54
N GLY A 94 1.39 -16.33 -16.86
CA GLY A 94 2.38 -15.72 -17.76
C GLY A 94 3.33 -16.75 -18.29
N SER A 95 3.33 -16.96 -19.62
CA SER A 95 4.05 -18.04 -20.26
C SER A 95 5.23 -17.54 -21.11
N ASP A 96 5.63 -16.29 -20.93
CA ASP A 96 6.64 -15.63 -21.76
C ASP A 96 8.05 -16.17 -21.53
N HIS A 97 8.30 -16.89 -20.45
CA HIS A 97 9.62 -17.51 -20.27
C HIS A 97 9.84 -18.69 -21.21
N ILE A 98 8.80 -19.14 -21.91
CA ILE A 98 8.89 -20.17 -22.94
C ILE A 98 8.93 -19.46 -24.27
N ASP A 99 9.73 -19.95 -25.23
CA ASP A 99 9.74 -19.36 -26.57
C ASP A 99 8.51 -19.84 -27.35
N LEU A 100 7.38 -19.21 -27.02
CA LEU A 100 6.10 -19.56 -27.64
C LEU A 100 6.13 -19.37 -29.13
N ASP A 101 6.71 -18.27 -29.60
CA ASP A 101 6.72 -18.03 -31.04
C ASP A 101 7.54 -19.10 -31.77
N TYR A 102 8.61 -19.60 -31.16
CA TYR A 102 9.39 -20.65 -31.81
C TYR A 102 8.58 -21.94 -31.92
N ILE A 103 7.91 -22.35 -30.84
CA ILE A 103 7.08 -23.54 -30.91
C ILE A 103 6.03 -23.37 -32.00
N ASN A 104 5.39 -22.21 -32.03
CA ASN A 104 4.35 -21.94 -33.00
C ASN A 104 4.91 -21.94 -34.42
N GLN A 105 6.07 -21.32 -34.63
CA GLN A 105 6.61 -21.22 -36.00
C GLN A 105 7.04 -22.58 -36.51
N THR A 106 7.66 -23.40 -35.66
CA THR A 106 8.07 -24.75 -36.08
C THR A 106 6.93 -25.73 -36.14
N GLY A 107 5.79 -25.40 -35.56
CA GLY A 107 4.69 -26.34 -35.49
C GLY A 107 4.94 -27.53 -34.59
N LYS A 108 5.85 -27.42 -33.62
CA LYS A 108 6.08 -28.51 -32.68
C LYS A 108 4.84 -28.72 -31.82
N LYS A 109 4.50 -29.99 -31.60
CA LYS A 109 3.25 -30.38 -30.97
C LYS A 109 3.44 -30.37 -29.46
N ILE A 110 3.63 -29.15 -28.96
CA ILE A 110 3.81 -28.89 -27.53
C ILE A 110 2.69 -27.95 -27.10
N SER A 111 1.96 -28.37 -26.06
CA SER A 111 0.94 -27.51 -25.47
C SER A 111 1.56 -26.74 -24.33
N VAL A 112 1.10 -25.51 -24.17
CA VAL A 112 1.55 -24.64 -23.08
C VAL A 112 0.31 -24.17 -22.33
N LEU A 113 0.24 -24.48 -21.03
CA LEU A 113 -0.92 -24.24 -20.19
C LEU A 113 -0.49 -23.48 -18.96
N GLU A 114 -1.29 -22.52 -18.53
CA GLU A 114 -1.02 -21.78 -17.30
C GLU A 114 -2.30 -21.76 -16.47
N VAL A 115 -2.20 -21.41 -15.19
CA VAL A 115 -3.37 -21.47 -14.29
C VAL A 115 -3.99 -20.07 -14.28
N THR A 116 -4.70 -19.77 -15.37
CA THR A 116 -5.34 -18.48 -15.51
C THR A 116 -6.23 -18.18 -14.31
N GLY A 117 -6.15 -16.94 -13.84
CA GLY A 117 -7.01 -16.49 -12.78
C GLY A 117 -6.51 -16.82 -11.39
N SER A 118 -5.47 -17.64 -11.26
CA SER A 118 -5.10 -18.18 -9.94
C SER A 118 -4.53 -17.12 -9.01
N ASN A 119 -3.90 -16.08 -9.55
CA ASN A 119 -3.28 -15.06 -8.71
C ASN A 119 -3.53 -13.66 -9.24
N VAL A 120 -4.61 -13.49 -10.03
CA VAL A 120 -4.96 -12.20 -10.60
C VAL A 120 -5.41 -11.23 -9.52
N VAL A 121 -6.11 -11.71 -8.48
CA VAL A 121 -6.42 -10.85 -7.34
C VAL A 121 -5.14 -10.42 -6.64
N SER A 122 -4.24 -11.38 -6.39
CA SER A 122 -2.97 -11.10 -5.73
C SER A 122 -2.22 -10.01 -6.48
N GLY A 123 -2.15 -10.13 -7.81
CA GLY A 123 -1.45 -9.12 -8.58
C GLY A 123 -2.13 -7.76 -8.50
N ALA A 124 -3.46 -7.75 -8.59
CA ALA A 124 -4.18 -6.48 -8.54
C ALA A 124 -4.00 -5.78 -7.20
N GLU A 125 -4.04 -6.56 -6.11
CA GLU A 125 -3.72 -5.99 -4.79
C GLU A 125 -2.33 -5.39 -4.76
N HIS A 126 -1.38 -6.05 -5.38
CA HIS A 126 -0.02 -5.56 -5.35
C HIS A 126 0.08 -4.26 -6.14
N VAL A 127 -0.68 -4.14 -7.22
CA VAL A 127 -0.72 -2.90 -7.97
C VAL A 127 -1.25 -1.78 -7.11
N LEU A 128 -2.42 -1.99 -6.50
CA LEU A 128 -2.98 -0.98 -5.60
C LEU A 128 -1.98 -0.60 -4.51
N MET A 129 -1.36 -1.60 -3.88
CA MET A 129 -0.41 -1.33 -2.82
C MET A 129 0.75 -0.48 -3.33
N THR A 130 1.30 -0.86 -4.49
CA THR A 130 2.45 -0.14 -5.03
C THR A 130 2.07 1.27 -5.46
N MET A 131 0.89 1.44 -6.03
CA MET A 131 0.41 2.81 -6.32
C MET A 131 0.36 3.66 -5.06
N LEU A 132 -0.25 3.13 -3.99
CA LEU A 132 -0.35 3.90 -2.75
C LEU A 132 1.03 4.16 -2.15
N VAL A 133 1.90 3.15 -2.11
CA VAL A 133 3.25 3.33 -1.58
C VAL A 133 3.98 4.45 -2.32
N LEU A 134 3.87 4.48 -3.65
CA LEU A 134 4.62 5.48 -4.41
C LEU A 134 4.00 6.86 -4.27
N VAL A 135 2.69 6.95 -4.49
CA VAL A 135 2.00 8.23 -4.44
C VAL A 135 2.14 8.87 -3.07
N ARG A 136 1.99 8.08 -2.02
CA ARG A 136 2.03 8.58 -0.66
C ARG A 136 3.43 8.59 -0.06
N ASN A 137 4.46 8.24 -0.84
CA ASN A 137 5.88 8.40 -0.46
C ASN A 137 6.26 7.55 0.77
N PHE A 138 5.68 6.34 0.85
CA PHE A 138 5.83 5.52 2.05
C PHE A 138 7.27 5.03 2.26
N VAL A 139 7.99 4.65 1.22
CA VAL A 139 9.29 4.01 1.43
C VAL A 139 10.25 4.90 2.21
N PRO A 140 10.53 6.13 1.81
CA PRO A 140 11.41 6.95 2.63
C PRO A 140 10.85 7.27 4.00
N ALA A 141 9.53 7.30 4.14
CA ALA A 141 8.91 7.53 5.43
C ALA A 141 9.24 6.40 6.41
N HIS A 142 9.09 5.15 5.98
CA HIS A 142 9.47 4.05 6.85
C HIS A 142 10.97 4.03 7.11
N GLU A 143 11.76 4.37 6.09
N GLU A 143 11.77 4.32 6.08
CA GLU A 143 13.21 4.39 6.23
CA GLU A 143 13.22 4.35 6.29
C GLU A 143 13.64 5.39 7.30
C GLU A 143 13.58 5.35 7.38
N GLN A 144 12.93 6.52 7.37
CA GLN A 144 13.21 7.50 8.42
C GLN A 144 13.01 6.89 9.81
N ILE A 145 11.91 6.16 10.00
CA ILE A 145 11.61 5.63 11.33
C ILE A 145 12.67 4.66 11.78
N ILE A 146 13.03 3.71 10.92
CA ILE A 146 13.98 2.69 11.36
C ILE A 146 15.42 3.21 11.39
N ASN A 147 15.72 4.32 10.71
CA ASN A 147 16.99 5.03 10.85
C ASN A 147 17.02 6.00 12.04
N HIS A 148 15.98 5.98 12.89
CA HIS A 148 15.90 6.76 14.11
C HIS A 148 15.83 8.26 13.86
N ASP A 149 15.20 8.63 12.75
CA ASP A 149 15.03 10.03 12.37
C ASP A 149 13.57 10.42 12.51
N TRP A 150 13.32 11.73 12.39
CA TRP A 150 11.95 12.23 12.41
C TRP A 150 11.95 13.60 11.74
N GLU A 151 11.37 13.67 10.53
CA GLU A 151 11.31 14.94 9.81
C GLU A 151 10.13 14.85 8.84
N VAL A 152 8.98 15.29 9.32
CA VAL A 152 7.74 15.16 8.55
C VAL A 152 7.87 15.79 7.16
N ALA A 153 8.47 16.99 7.07
CA ALA A 153 8.51 17.71 5.80
C ALA A 153 9.31 16.97 4.74
N ALA A 154 10.32 16.20 5.15
CA ALA A 154 11.14 15.47 4.19
C ALA A 154 10.33 14.42 3.45
N ILE A 155 9.25 13.94 4.06
CA ILE A 155 8.32 13.01 3.41
C ILE A 155 7.21 13.75 2.71
N ALA A 156 6.60 14.73 3.39
CA ALA A 156 5.40 15.38 2.89
C ALA A 156 5.67 16.14 1.59
N LYS A 157 6.91 16.62 1.40
CA LYS A 157 7.21 17.40 0.21
C LYS A 157 7.00 16.62 -1.08
N ASP A 158 6.92 15.30 -1.03
CA ASP A 158 6.62 14.53 -2.23
C ASP A 158 5.55 13.48 -1.95
N ALA A 159 4.59 13.78 -1.07
CA ALA A 159 3.50 12.88 -0.74
C ALA A 159 2.19 13.48 -1.19
N TYR A 160 1.39 12.66 -1.87
CA TYR A 160 0.10 13.04 -2.43
C TYR A 160 -0.93 12.00 -2.03
N ASP A 161 -2.21 12.36 -2.23
CA ASP A 161 -3.29 11.39 -2.15
C ASP A 161 -3.54 10.82 -3.55
N ILE A 162 -4.04 9.59 -3.60
CA ILE A 162 -4.42 9.04 -4.89
C ILE A 162 -5.75 9.60 -5.37
N GLU A 163 -6.59 10.07 -4.47
CA GLU A 163 -7.80 10.78 -4.85
C GLU A 163 -7.45 11.90 -5.82
N GLY A 164 -8.28 12.06 -6.86
CA GLY A 164 -8.10 13.15 -7.77
C GLY A 164 -7.07 12.93 -8.84
N LYS A 165 -6.43 11.77 -8.88
CA LYS A 165 -5.41 11.50 -9.87
C LYS A 165 -6.06 10.76 -11.05
N THR A 166 -5.49 10.93 -12.22
CA THR A 166 -5.91 10.18 -13.41
C THR A 166 -5.03 8.95 -13.57
N ILE A 167 -5.66 7.78 -13.66
CA ILE A 167 -4.97 6.50 -13.59
C ILE A 167 -5.28 5.71 -14.85
N ALA A 168 -4.23 5.21 -15.49
CA ALA A 168 -4.35 4.48 -16.75
C ALA A 168 -3.74 3.10 -16.60
N THR A 169 -4.41 2.10 -17.16
CA THR A 169 -3.85 0.77 -17.28
C THR A 169 -3.60 0.41 -18.74
N ILE A 170 -2.44 -0.17 -18.98
CA ILE A 170 -2.08 -0.75 -20.27
C ILE A 170 -2.37 -2.24 -20.11
N GLY A 171 -3.49 -2.67 -20.68
CA GLY A 171 -4.00 -4.01 -20.51
C GLY A 171 -5.14 -3.94 -19.52
N ALA A 172 -6.32 -4.34 -19.95
CA ALA A 172 -7.51 -4.32 -19.10
C ALA A 172 -8.13 -5.70 -19.08
N GLY A 173 -7.30 -6.71 -18.82
CA GLY A 173 -7.77 -8.07 -18.67
C GLY A 173 -8.06 -8.40 -17.22
N ARG A 174 -7.72 -9.61 -16.78
CA ARG A 174 -8.11 -10.04 -15.44
C ARG A 174 -7.51 -9.15 -14.38
N ILE A 175 -6.22 -8.86 -14.48
CA ILE A 175 -5.57 -8.01 -13.47
C ILE A 175 -5.95 -6.54 -13.68
N GLY A 176 -5.78 -6.04 -14.90
CA GLY A 176 -6.08 -4.64 -15.15
C GLY A 176 -7.48 -4.25 -14.73
N TYR A 177 -8.46 -5.10 -15.03
CA TYR A 177 -9.83 -4.80 -14.64
C TYR A 177 -10.00 -4.82 -13.13
N ARG A 178 -9.43 -5.83 -12.44
CA ARG A 178 -9.50 -5.89 -10.99
C ARG A 178 -8.81 -4.70 -10.34
N VAL A 179 -7.77 -4.16 -10.97
CA VAL A 179 -7.16 -2.91 -10.48
C VAL A 179 -8.16 -1.77 -10.59
N LEU A 180 -8.80 -1.65 -11.75
CA LEU A 180 -9.79 -0.59 -11.94
C LEU A 180 -10.91 -0.71 -10.93
N GLU A 181 -11.38 -1.95 -10.68
CA GLU A 181 -12.45 -2.14 -9.71
C GLU A 181 -12.05 -1.64 -8.34
N ARG A 182 -10.82 -1.97 -7.92
CA ARG A 182 -10.35 -1.59 -6.59
C ARG A 182 -10.10 -0.09 -6.49
N LEU A 183 -9.84 0.58 -7.60
CA LEU A 183 -9.57 2.03 -7.57
C LEU A 183 -10.85 2.86 -7.45
N VAL A 184 -11.99 2.34 -7.91
CA VAL A 184 -13.24 3.14 -7.92
C VAL A 184 -13.47 3.89 -6.61
N PRO A 185 -13.47 3.25 -5.44
CA PRO A 185 -13.82 3.97 -4.21
C PRO A 185 -12.73 4.90 -3.73
N PHE A 186 -11.58 4.93 -4.38
CA PHE A 186 -10.56 5.91 -4.03
C PHE A 186 -10.82 7.27 -4.69
N ASN A 187 -11.87 7.41 -5.47
CA ASN A 187 -12.24 8.68 -6.09
C ASN A 187 -11.13 9.24 -6.97
N PRO A 188 -10.63 8.45 -7.92
CA PRO A 188 -9.70 9.01 -8.90
C PRO A 188 -10.44 10.02 -9.75
N LYS A 189 -9.67 10.94 -10.35
CA LYS A 189 -10.29 11.88 -11.29
C LYS A 189 -10.89 11.12 -12.46
N GLU A 190 -10.16 10.14 -12.97
CA GLU A 190 -10.65 9.33 -14.08
C GLU A 190 -9.82 8.06 -14.18
N LEU A 191 -10.47 7.00 -14.67
CA LEU A 191 -9.84 5.72 -14.94
C LEU A 191 -9.85 5.48 -16.44
N LEU A 192 -8.68 5.13 -16.98
CA LEU A 192 -8.47 4.99 -18.41
C LEU A 192 -7.84 3.63 -18.70
N TYR A 193 -8.11 3.09 -19.88
CA TYR A 193 -7.41 1.88 -20.28
C TYR A 193 -7.11 1.91 -21.76
N TYR A 194 -6.04 1.21 -22.10
CA TYR A 194 -5.64 0.93 -23.46
C TYR A 194 -5.49 -0.58 -23.58
N ASP A 195 -6.17 -1.16 -24.57
CA ASP A 195 -6.15 -2.59 -24.81
C ASP A 195 -6.76 -2.78 -26.18
N TYR A 196 -6.18 -3.66 -26.99
CA TYR A 196 -6.82 -3.98 -28.26
C TYR A 196 -8.13 -4.75 -28.06
N GLN A 197 -8.33 -5.34 -26.89
CA GLN A 197 -9.58 -5.97 -26.50
C GLN A 197 -10.37 -4.98 -25.67
N ALA A 198 -11.52 -4.56 -26.19
CA ALA A 198 -12.38 -3.67 -25.42
C ALA A 198 -12.93 -4.39 -24.20
N LEU A 199 -13.10 -3.65 -23.11
CA LEU A 199 -13.85 -4.18 -21.99
C LEU A 199 -15.29 -4.45 -22.42
N PRO A 200 -15.94 -5.48 -21.86
CA PRO A 200 -17.40 -5.55 -21.97
C PRO A 200 -18.00 -4.25 -21.49
N LYS A 201 -19.02 -3.76 -22.22
CA LYS A 201 -19.53 -2.43 -21.93
C LYS A 201 -20.08 -2.32 -20.52
N ASP A 202 -20.67 -3.40 -20.00
CA ASP A 202 -21.15 -3.40 -18.62
C ASP A 202 -20.00 -3.26 -17.64
N ALA A 203 -18.88 -3.93 -17.92
CA ALA A 203 -17.70 -3.81 -17.06
C ALA A 203 -17.12 -2.41 -17.13
N GLU A 204 -17.05 -1.83 -18.33
CA GLU A 204 -16.55 -0.48 -18.48
C GLU A 204 -17.37 0.49 -17.63
N GLU A 205 -18.69 0.38 -17.72
CA GLU A 205 -19.55 1.30 -16.99
C GLU A 205 -19.44 1.09 -15.47
N LYS A 206 -19.29 -0.16 -15.04
CA LYS A 206 -19.23 -0.44 -13.60
C LYS A 206 -18.07 0.31 -12.95
N VAL A 207 -16.95 0.46 -13.66
CA VAL A 207 -15.78 1.14 -13.12
C VAL A 207 -15.61 2.55 -13.66
N GLY A 208 -16.52 3.02 -14.51
CA GLY A 208 -16.39 4.36 -15.05
C GLY A 208 -15.19 4.54 -15.95
N ALA A 209 -14.73 3.48 -16.61
CA ALA A 209 -13.50 3.59 -17.38
C ALA A 209 -13.77 4.18 -18.76
N ARG A 210 -12.77 4.87 -19.28
CA ARG A 210 -12.81 5.39 -20.63
C ARG A 210 -11.68 4.74 -21.41
N ARG A 211 -12.02 4.16 -22.56
CA ARG A 211 -11.03 3.54 -23.41
C ARG A 211 -10.31 4.62 -24.21
N VAL A 212 -8.99 4.55 -24.23
CA VAL A 212 -8.15 5.47 -25.00
C VAL A 212 -7.55 4.67 -26.14
N GLU A 213 -7.62 5.22 -27.35
CA GLU A 213 -7.36 4.44 -28.56
C GLU A 213 -5.88 4.17 -28.77
N ASN A 214 -4.99 5.06 -28.37
CA ASN A 214 -3.58 4.76 -28.56
C ASN A 214 -2.79 5.09 -27.31
N ILE A 215 -1.63 4.43 -27.22
CA ILE A 215 -0.89 4.39 -25.96
C ILE A 215 -0.25 5.74 -25.65
N GLU A 216 0.15 6.48 -26.68
CA GLU A 216 0.75 7.79 -26.44
C GLU A 216 -0.27 8.75 -25.83
N GLU A 217 -1.50 8.73 -26.34
CA GLU A 217 -2.56 9.58 -25.81
C GLU A 217 -2.90 9.17 -24.38
N LEU A 218 -2.88 7.86 -24.11
CA LEU A 218 -3.14 7.34 -22.78
C LEU A 218 -2.14 7.88 -21.77
N VAL A 219 -0.83 7.71 -22.02
CA VAL A 219 0.15 8.02 -21.00
C VAL A 219 0.29 9.53 -20.80
N ALA A 220 0.02 10.31 -21.84
CA ALA A 220 0.23 11.75 -21.76
C ALA A 220 -0.66 12.42 -20.74
N GLN A 221 -1.80 11.82 -20.44
CA GLN A 221 -2.77 12.42 -19.53
C GLN A 221 -2.79 11.76 -18.17
N ALA A 222 -1.96 10.76 -17.93
CA ALA A 222 -2.07 9.93 -16.73
C ALA A 222 -1.09 10.40 -15.65
N ASP A 223 -1.58 10.58 -14.43
CA ASP A 223 -0.71 10.74 -13.28
C ASP A 223 -0.07 9.42 -12.88
N ILE A 224 -0.81 8.32 -13.03
CA ILE A 224 -0.37 6.99 -12.66
C ILE A 224 -0.62 6.07 -13.84
N VAL A 225 0.39 5.30 -14.23
CA VAL A 225 0.27 4.28 -15.27
C VAL A 225 0.62 2.92 -14.66
N THR A 226 -0.19 1.90 -14.96
CA THR A 226 0.08 0.53 -14.53
C THR A 226 0.06 -0.38 -15.75
N ILE A 227 1.01 -1.32 -15.79
N ILE A 227 1.05 -1.27 -15.81
CA ILE A 227 1.20 -2.24 -16.91
CA ILE A 227 1.17 -2.25 -16.89
C ILE A 227 0.62 -3.58 -16.52
C ILE A 227 0.50 -3.53 -16.43
N ASN A 228 -0.40 -4.05 -17.24
CA ASN A 228 -1.10 -5.28 -16.94
C ASN A 228 -1.38 -6.05 -18.23
N ALA A 229 -0.39 -6.16 -19.09
CA ALA A 229 -0.50 -6.97 -20.28
C ALA A 229 0.56 -8.05 -20.23
N PRO A 230 0.37 -9.16 -20.94
CA PRO A 230 1.41 -10.19 -20.98
C PRO A 230 2.59 -9.69 -21.79
N LEU A 231 3.71 -10.38 -21.60
CA LEU A 231 4.92 -10.14 -22.39
C LEU A 231 4.84 -10.98 -23.65
N HIS A 232 4.88 -10.29 -24.78
CA HIS A 232 4.93 -10.93 -26.08
C HIS A 232 5.59 -9.94 -27.02
N ALA A 233 5.67 -10.29 -28.30
CA ALA A 233 6.44 -9.47 -29.23
C ALA A 233 5.93 -8.03 -29.29
N GLY A 234 4.63 -7.82 -29.13
CA GLY A 234 4.03 -6.50 -29.16
C GLY A 234 4.22 -5.66 -27.91
N THR A 235 4.64 -6.27 -26.79
CA THR A 235 4.87 -5.53 -25.56
C THR A 235 6.34 -5.54 -25.12
N LYS A 236 7.20 -6.36 -25.71
CA LYS A 236 8.60 -6.37 -25.31
C LYS A 236 9.22 -5.01 -25.61
N GLY A 237 9.78 -4.37 -24.59
CA GLY A 237 10.42 -3.08 -24.78
C GLY A 237 9.45 -1.98 -25.13
N LEU A 238 8.15 -2.19 -24.85
CA LEU A 238 7.13 -1.17 -25.11
C LEU A 238 7.40 0.12 -24.34
N ILE A 239 7.75 0.03 -23.07
CA ILE A 239 7.99 1.21 -22.25
C ILE A 239 9.47 1.55 -22.41
N ASN A 240 9.76 2.47 -23.35
CA ASN A 240 11.11 2.83 -23.71
C ASN A 240 11.28 4.35 -23.62
N LYS A 241 12.49 4.80 -23.94
CA LYS A 241 12.81 6.22 -23.80
C LYS A 241 11.78 7.10 -24.50
N GLU A 242 11.45 6.77 -25.75
CA GLU A 242 10.55 7.63 -26.49
C GLU A 242 9.18 7.69 -25.86
N LEU A 243 8.62 6.53 -25.50
CA LEU A 243 7.29 6.55 -24.91
C LEU A 243 7.30 7.23 -23.55
N LEU A 244 8.34 6.97 -22.76
CA LEU A 244 8.44 7.61 -21.44
C LEU A 244 8.48 9.13 -21.57
N SER A 245 9.08 9.65 -22.64
CA SER A 245 9.10 11.09 -22.87
C SER A 245 7.72 11.69 -23.14
N LYS A 246 6.72 10.86 -23.42
CA LYS A 246 5.36 11.30 -23.63
C LYS A 246 4.49 11.11 -22.39
N PHE A 247 5.02 10.49 -21.35
CA PHE A 247 4.31 10.47 -20.07
C PHE A 247 4.16 11.90 -19.57
N LYS A 248 3.18 12.07 -18.70
CA LYS A 248 3.08 13.29 -17.93
C LYS A 248 4.30 13.41 -17.02
N LYS A 249 4.93 14.58 -16.98
CA LYS A 249 6.13 14.75 -16.17
C LYS A 249 5.81 14.48 -14.70
N GLY A 250 6.63 13.66 -14.05
CA GLY A 250 6.42 13.33 -12.66
C GLY A 250 5.37 12.26 -12.43
N ALA A 251 5.04 11.48 -13.44
CA ALA A 251 4.11 10.38 -13.28
C ALA A 251 4.71 9.27 -12.42
N TRP A 252 3.83 8.44 -11.89
CA TRP A 252 4.20 7.22 -11.21
C TRP A 252 3.86 6.03 -12.09
N LEU A 253 4.79 5.09 -12.22
CA LEU A 253 4.64 3.90 -13.06
C LEU A 253 4.75 2.63 -12.24
N VAL A 254 3.75 1.76 -12.37
CA VAL A 254 3.68 0.49 -11.65
C VAL A 254 3.68 -0.62 -12.68
N ASN A 255 4.49 -1.66 -12.44
CA ASN A 255 4.58 -2.79 -13.36
C ASN A 255 4.75 -4.08 -12.55
N THR A 256 3.66 -4.80 -12.41
CA THR A 256 3.61 -6.14 -11.88
C THR A 256 3.38 -7.16 -12.99
N ALA A 257 3.52 -6.75 -14.24
CA ALA A 257 3.22 -7.63 -15.36
C ALA A 257 4.46 -8.45 -15.67
N ARG A 258 5.37 -7.88 -16.45
CA ARG A 258 6.66 -8.49 -16.75
C ARG A 258 7.70 -7.40 -16.91
N GLY A 259 8.90 -7.67 -16.39
CA GLY A 259 9.94 -6.67 -16.43
C GLY A 259 10.29 -6.22 -17.83
N ALA A 260 10.36 -7.17 -18.77
CA ALA A 260 10.90 -6.87 -20.09
C ALA A 260 9.94 -6.07 -20.95
N ILE A 261 8.72 -5.81 -20.47
CA ILE A 261 7.86 -4.84 -21.13
C ILE A 261 8.49 -3.46 -21.07
N CYS A 262 9.34 -3.20 -20.08
CA CYS A 262 10.10 -1.97 -19.99
C CYS A 262 11.54 -2.19 -20.45
N VAL A 263 12.11 -1.15 -21.04
CA VAL A 263 13.56 -1.10 -21.20
C VAL A 263 14.13 -0.64 -19.88
N ALA A 264 14.88 -1.53 -19.20
CA ALA A 264 15.29 -1.29 -17.82
C ALA A 264 16.03 0.04 -17.66
N GLU A 265 17.04 0.31 -18.50
CA GLU A 265 17.83 1.52 -18.29
C GLU A 265 17.01 2.76 -18.63
N ASP A 266 16.02 2.65 -19.51
CA ASP A 266 15.21 3.81 -19.85
C ASP A 266 14.31 4.19 -18.67
N VAL A 267 13.75 3.20 -17.99
CA VAL A 267 12.97 3.48 -16.79
C VAL A 267 13.84 4.16 -15.74
N ALA A 268 15.02 3.62 -15.49
CA ALA A 268 15.90 4.19 -14.46
C ALA A 268 16.26 5.63 -14.80
N ALA A 269 16.56 5.91 -16.08
CA ALA A 269 16.93 7.26 -16.44
C ALA A 269 15.75 8.22 -16.31
N ALA A 270 14.55 7.75 -16.60
CA ALA A 270 13.38 8.59 -16.44
C ALA A 270 13.13 8.91 -14.97
N LEU A 271 13.38 7.94 -14.09
CA LEU A 271 13.23 8.18 -12.67
C LEU A 271 14.28 9.16 -12.18
N GLU A 272 15.52 8.98 -12.61
CA GLU A 272 16.58 9.87 -12.12
C GLU A 272 16.37 11.30 -12.65
N SER A 273 15.79 11.45 -13.83
CA SER A 273 15.62 12.76 -14.46
C SER A 273 14.37 13.50 -13.99
N GLY A 274 13.44 12.83 -13.34
CA GLY A 274 12.20 13.44 -12.94
C GLY A 274 11.05 13.17 -13.89
N GLN A 275 11.31 12.57 -15.04
CA GLN A 275 10.20 12.23 -15.93
C GLN A 275 9.20 11.32 -15.20
N LEU A 276 9.72 10.43 -14.37
CA LEU A 276 8.91 9.69 -13.41
C LEU A 276 9.24 10.17 -12.01
N ARG A 277 8.21 10.30 -11.19
CA ARG A 277 8.39 10.48 -9.75
C ARG A 277 8.67 9.16 -9.04
N GLY A 278 8.18 8.06 -9.58
CA GLY A 278 8.38 6.78 -8.93
C GLY A 278 8.10 5.64 -9.88
N TYR A 279 8.75 4.51 -9.59
CA TYR A 279 8.50 3.27 -10.30
C TYR A 279 8.51 2.16 -9.27
N GLY A 280 7.64 1.17 -9.45
CA GLY A 280 7.67 0.03 -8.58
C GLY A 280 6.91 -1.12 -9.17
N GLY A 281 7.19 -2.29 -8.63
CA GLY A 281 6.63 -3.54 -9.11
C GLY A 281 7.50 -4.66 -8.59
N ASP A 282 7.12 -5.87 -8.95
CA ASP A 282 7.78 -7.09 -8.47
C ASP A 282 8.49 -7.88 -9.56
N VAL A 283 8.39 -7.47 -10.82
CA VAL A 283 8.87 -8.27 -11.94
C VAL A 283 10.07 -7.63 -12.60
N TRP A 284 11.00 -8.47 -13.04
CA TRP A 284 12.30 -8.06 -13.52
C TRP A 284 12.67 -8.90 -14.74
N PHE A 285 13.57 -8.36 -15.54
CA PHE A 285 14.21 -9.21 -16.53
C PHE A 285 15.72 -9.11 -16.41
N PRO A 286 16.42 -10.27 -16.24
CA PRO A 286 15.89 -11.64 -16.07
C PRO A 286 15.55 -11.94 -14.61
N GLN A 287 15.02 -13.12 -14.31
CA GLN A 287 14.81 -13.53 -12.94
C GLN A 287 15.49 -14.87 -12.67
N PRO A 288 16.24 -14.95 -11.56
CA PRO A 288 16.54 -13.94 -10.54
C PRO A 288 17.19 -12.69 -11.08
N ALA A 289 16.86 -11.54 -10.52
CA ALA A 289 17.49 -10.29 -10.95
C ALA A 289 18.94 -10.23 -10.44
N PRO A 290 19.92 -9.95 -11.30
CA PRO A 290 21.30 -9.87 -10.82
C PRO A 290 21.47 -8.81 -9.74
N LYS A 291 22.53 -9.02 -8.95
CA LYS A 291 22.79 -8.16 -7.80
C LYS A 291 22.91 -6.69 -8.21
N ASP A 292 23.33 -6.42 -9.44
CA ASP A 292 23.57 -5.06 -9.90
C ASP A 292 22.54 -4.57 -10.90
N HIS A 293 21.39 -5.24 -11.02
CA HIS A 293 20.35 -4.80 -11.93
C HIS A 293 20.00 -3.34 -11.61
N PRO A 294 19.86 -2.47 -12.62
CA PRO A 294 19.72 -1.03 -12.34
C PRO A 294 18.47 -0.66 -11.56
N TRP A 295 17.43 -1.49 -11.57
CA TRP A 295 16.24 -1.17 -10.83
C TRP A 295 16.42 -1.31 -9.32
N ARG A 296 17.52 -1.90 -8.85
CA ARG A 296 17.74 -1.97 -7.40
C ARG A 296 18.10 -0.62 -6.81
N ASP A 297 19.06 0.09 -7.42
CA ASP A 297 19.62 1.29 -6.82
C ASP A 297 19.04 2.58 -7.36
N MET A 298 18.23 2.51 -8.41
CA MET A 298 17.67 3.72 -8.99
C MET A 298 16.77 4.44 -7.98
N ARG A 299 16.84 5.76 -7.99
CA ARG A 299 16.02 6.60 -7.14
C ARG A 299 15.65 7.86 -7.90
N ASN A 300 14.63 8.55 -7.42
CA ASN A 300 14.35 9.90 -7.89
C ASN A 300 15.31 10.87 -7.21
N LYS A 301 15.12 12.16 -7.50
CA LYS A 301 16.05 13.18 -7.01
C LYS A 301 16.01 13.32 -5.49
N TYR A 302 14.95 12.85 -4.84
CA TYR A 302 14.86 12.89 -3.40
C TYR A 302 15.36 11.62 -2.73
N GLY A 303 15.93 10.68 -3.50
CA GLY A 303 16.39 9.46 -2.89
C GLY A 303 15.29 8.45 -2.66
N ALA A 304 14.16 8.61 -3.34
CA ALA A 304 13.01 7.73 -3.15
C ALA A 304 12.44 7.34 -4.49
N GLY A 305 11.13 7.09 -4.56
CA GLY A 305 10.49 6.72 -5.81
C GLY A 305 10.82 5.33 -6.29
N ASN A 306 11.30 4.46 -5.41
CA ASN A 306 11.59 3.07 -5.74
C ASN A 306 10.79 2.16 -4.82
N ALA A 307 9.81 1.43 -5.38
CA ALA A 307 9.00 0.47 -4.64
C ALA A 307 9.16 -0.94 -5.22
N MET A 308 10.38 -1.29 -5.59
CA MET A 308 10.66 -2.61 -6.14
C MET A 308 10.69 -3.70 -5.06
N THR A 309 10.22 -4.89 -5.43
CA THR A 309 10.31 -6.08 -4.60
C THR A 309 10.78 -7.21 -5.50
N PRO A 310 11.22 -8.34 -4.95
CA PRO A 310 11.41 -9.54 -5.77
C PRO A 310 10.06 -10.00 -6.30
N HIS A 311 10.10 -10.97 -7.22
CA HIS A 311 8.87 -11.42 -7.87
C HIS A 311 8.10 -12.35 -6.95
N TYR A 312 7.14 -11.78 -6.23
CA TYR A 312 6.37 -12.61 -5.31
C TYR A 312 4.89 -12.31 -5.25
N SER A 313 4.38 -11.27 -5.93
CA SER A 313 3.00 -10.89 -5.68
C SER A 313 2.05 -12.03 -6.01
N GLY A 314 2.36 -12.78 -7.06
CA GLY A 314 1.56 -13.92 -7.47
C GLY A 314 1.85 -15.20 -6.74
N THR A 315 2.73 -15.18 -5.73
CA THR A 315 3.05 -16.36 -4.95
C THR A 315 2.81 -16.12 -3.45
N THR A 316 1.85 -15.27 -3.12
CA THR A 316 1.37 -15.23 -1.74
C THR A 316 0.84 -16.60 -1.37
N LEU A 317 0.78 -16.86 -0.07
CA LEU A 317 0.33 -18.18 0.36
C LEU A 317 -1.07 -18.49 -0.14
N ASP A 318 -1.94 -17.47 -0.20
CA ASP A 318 -3.30 -17.67 -0.72
C ASP A 318 -3.28 -18.06 -2.20
N ALA A 319 -2.39 -17.45 -2.98
CA ALA A 319 -2.28 -17.76 -4.41
C ALA A 319 -1.68 -19.14 -4.64
N GLN A 320 -0.71 -19.54 -3.82
CA GLN A 320 0.01 -20.79 -4.07
C GLN A 320 -0.92 -21.98 -4.09
N THR A 321 -1.83 -22.07 -3.11
N THR A 321 -1.83 -22.07 -3.12
CA THR A 321 -2.75 -23.20 -3.10
CA THR A 321 -2.70 -23.24 -3.14
C THR A 321 -3.56 -23.26 -4.39
C THR A 321 -3.58 -23.26 -4.38
N ARG A 322 -3.97 -22.09 -4.90
CA ARG A 322 -4.81 -22.05 -6.10
C ARG A 322 -4.04 -22.50 -7.34
N TYR A 323 -2.82 -22.02 -7.54
CA TYR A 323 -2.12 -22.46 -8.73
C TYR A 323 -1.56 -23.87 -8.59
N ALA A 324 -1.37 -24.36 -7.36
CA ALA A 324 -1.00 -25.76 -7.22
C ALA A 324 -2.16 -26.65 -7.64
N GLU A 325 -3.38 -26.33 -7.22
CA GLU A 325 -4.52 -27.16 -7.62
C GLU A 325 -4.76 -27.08 -9.10
N GLY A 326 -4.59 -25.89 -9.67
CA GLY A 326 -4.82 -25.74 -11.09
C GLY A 326 -3.77 -26.47 -11.91
N THR A 327 -2.55 -26.56 -11.38
CA THR A 327 -1.50 -27.34 -12.03
C THR A 327 -1.87 -28.81 -12.05
N LYS A 328 -2.35 -29.31 -10.91
CA LYS A 328 -2.81 -30.70 -10.84
C LYS A 328 -3.90 -30.96 -11.88
N ASN A 329 -4.84 -30.04 -12.01
CA ASN A 329 -5.95 -30.24 -12.94
C ASN A 329 -5.47 -30.28 -14.37
N ILE A 330 -4.55 -29.39 -14.74
CA ILE A 330 -3.97 -29.43 -16.07
C ILE A 330 -3.29 -30.77 -16.31
N LEU A 331 -2.47 -31.22 -15.36
CA LEU A 331 -1.76 -32.46 -15.56
C LEU A 331 -2.73 -33.61 -15.75
N GLU A 332 -3.79 -33.64 -14.95
CA GLU A 332 -4.78 -34.71 -15.06
C GLU A 332 -5.46 -34.70 -16.42
N SER A 333 -5.82 -33.52 -16.93
CA SER A 333 -6.37 -33.43 -18.27
C SER A 333 -5.44 -34.04 -19.30
N PHE A 334 -4.14 -33.89 -19.12
CA PHE A 334 -3.17 -34.48 -20.05
C PHE A 334 -3.05 -35.97 -19.83
N PHE A 335 -2.91 -36.41 -18.57
CA PHE A 335 -2.68 -37.82 -18.26
C PHE A 335 -3.83 -38.71 -18.72
N THR A 336 -5.07 -38.25 -18.55
CA THR A 336 -6.25 -39.03 -18.95
C THR A 336 -6.41 -39.12 -20.46
N GLY A 337 -5.68 -38.31 -21.22
CA GLY A 337 -5.92 -38.19 -22.64
C GLY A 337 -7.22 -37.49 -23.01
N LYS A 338 -7.94 -36.95 -22.03
CA LYS A 338 -9.14 -36.16 -22.35
C LYS A 338 -8.75 -34.83 -22.97
N PHE A 339 -7.65 -34.24 -22.49
CA PHE A 339 -7.24 -32.91 -22.93
C PHE A 339 -8.36 -31.89 -22.72
N ASP A 340 -9.12 -32.08 -21.66
CA ASP A 340 -10.25 -31.22 -21.31
C ASP A 340 -9.81 -30.03 -20.47
N TYR A 341 -8.79 -29.35 -20.99
CA TYR A 341 -8.27 -28.16 -20.36
C TYR A 341 -9.33 -27.09 -20.30
N ARG A 342 -9.30 -26.30 -19.25
CA ARG A 342 -10.12 -25.10 -19.23
C ARG A 342 -9.71 -24.22 -20.40
N PRO A 343 -10.65 -23.69 -21.20
CA PRO A 343 -10.24 -22.93 -22.38
C PRO A 343 -9.29 -21.78 -22.07
N GLN A 344 -9.50 -21.11 -20.96
CA GLN A 344 -8.71 -19.93 -20.62
C GLN A 344 -7.31 -20.27 -20.15
N ASP A 345 -7.03 -21.54 -19.86
CA ASP A 345 -5.70 -21.94 -19.45
C ASP A 345 -4.78 -22.19 -20.64
N ILE A 346 -5.33 -22.30 -21.84
CA ILE A 346 -4.57 -22.77 -23.01
C ILE A 346 -3.88 -21.58 -23.66
N ILE A 347 -2.55 -21.58 -23.62
CA ILE A 347 -1.76 -20.62 -24.38
C ILE A 347 -1.52 -21.19 -25.76
N LEU A 348 -0.83 -22.34 -25.83
CA LEU A 348 -0.66 -23.11 -27.06
C LEU A 348 -1.29 -24.48 -26.88
N LEU A 349 -2.02 -24.92 -27.90
CA LEU A 349 -2.49 -26.30 -27.98
C LEU A 349 -1.70 -26.95 -29.12
N ASN A 350 -0.76 -27.82 -28.77
CA ASN A 350 0.06 -28.50 -29.76
C ASN A 350 0.62 -27.50 -30.78
N GLY A 351 1.25 -26.45 -30.25
CA GLY A 351 1.90 -25.46 -31.04
C GLY A 351 1.03 -24.33 -31.58
N GLU A 352 -0.29 -24.44 -31.54
CA GLU A 352 -1.17 -23.42 -32.10
C GLU A 352 -1.59 -22.44 -31.00
N TYR A 353 -1.55 -21.14 -31.30
CA TYR A 353 -2.02 -20.16 -30.33
C TYR A 353 -3.53 -20.26 -30.17
N ILE A 354 -3.97 -20.45 -28.93
CA ILE A 354 -5.36 -20.39 -28.56
C ILE A 354 -5.67 -19.06 -27.86
N THR A 355 -4.80 -18.64 -26.95
CA THR A 355 -4.97 -17.33 -26.34
C THR A 355 -5.02 -16.25 -27.40
N LYS A 356 -5.85 -15.24 -27.13
CA LYS A 356 -5.87 -14.01 -27.90
C LYS A 356 -5.11 -12.88 -27.22
N ALA A 357 -4.56 -13.11 -26.03
CA ALA A 357 -3.99 -12.04 -25.24
C ALA A 357 -2.50 -11.83 -25.47
N TYR A 358 -1.87 -12.64 -26.30
CA TYR A 358 -0.45 -12.56 -26.60
C TYR A 358 -0.23 -11.97 -27.99
N GLY A 359 -1.02 -10.94 -28.34
CA GLY A 359 -0.97 -10.31 -29.65
C GLY A 359 -1.83 -11.06 -30.67
N LYS A 360 -1.87 -10.50 -31.88
CA LYS A 360 -2.73 -11.04 -32.91
C LYS A 360 -2.01 -12.13 -33.69
N HIS A 361 -2.74 -13.21 -33.99
CA HIS A 361 -2.20 -14.30 -34.81
C HIS A 361 -3.19 -14.72 -35.89
N MET B 1 -4.29 41.31 17.71
CA MET B 1 -4.23 40.08 18.55
C MET B 1 -2.90 39.40 18.33
N LYS B 2 -2.52 38.60 19.31
CA LYS B 2 -1.26 37.87 19.27
C LYS B 2 -1.58 36.41 19.02
N ILE B 3 -1.01 35.86 17.97
CA ILE B 3 -1.27 34.50 17.53
C ILE B 3 0.05 33.75 17.57
N VAL B 4 0.04 32.59 18.21
CA VAL B 4 1.21 31.71 18.23
C VAL B 4 0.89 30.51 17.36
N LEU B 5 1.71 30.31 16.32
CA LEU B 5 1.53 29.26 15.34
C LEU B 5 2.66 28.25 15.49
N VAL B 6 2.32 27.02 15.85
CA VAL B 6 3.30 25.96 16.08
C VAL B 6 3.14 24.92 14.97
N LEU B 7 4.17 24.84 14.11
CA LEU B 7 4.21 23.91 12.98
C LEU B 7 5.55 23.21 12.97
N TYR B 8 5.67 22.18 12.13
CA TYR B 8 6.97 21.60 11.91
C TYR B 8 7.82 22.51 11.02
N ASP B 9 9.13 22.42 11.21
CA ASP B 9 10.07 23.07 10.30
C ASP B 9 10.29 22.19 9.08
N ALA B 10 10.32 22.83 7.91
CA ALA B 10 10.69 22.11 6.70
C ALA B 10 12.15 22.23 6.35
N GLY B 11 12.84 23.23 6.87
CA GLY B 11 14.26 23.38 6.56
C GLY B 11 14.49 23.46 5.07
N LYS B 12 15.55 22.77 4.62
CA LYS B 12 15.91 22.72 3.22
C LYS B 12 14.80 22.16 2.35
N HIS B 13 13.82 21.48 2.94
CA HIS B 13 12.78 20.90 2.12
C HIS B 13 11.74 21.92 1.68
N ALA B 14 11.61 23.04 2.39
CA ALA B 14 10.68 24.08 1.96
C ALA B 14 11.01 24.53 0.55
N ALA B 15 12.32 24.66 0.25
CA ALA B 15 12.71 25.13 -1.08
C ALA B 15 12.37 24.13 -2.18
N ASP B 16 12.23 22.84 -1.84
CA ASP B 16 11.87 21.86 -2.84
C ASP B 16 10.40 21.94 -3.24
N GLU B 17 9.53 22.54 -2.41
CA GLU B 17 8.08 22.37 -2.63
C GLU B 17 7.27 23.55 -2.08
N GLU B 18 6.80 24.40 -2.99
CA GLU B 18 6.03 25.58 -2.61
C GLU B 18 4.66 25.21 -2.02
N LYS B 19 4.13 24.04 -2.33
CA LYS B 19 2.82 23.64 -1.82
C LYS B 19 2.87 23.17 -0.38
N LEU B 20 4.04 23.21 0.26
CA LEU B 20 4.23 22.83 1.65
C LEU B 20 3.76 23.96 2.57
N TYR B 21 2.44 24.14 2.64
CA TYR B 21 1.89 25.22 3.46
C TYR B 21 2.03 24.96 4.95
N GLY B 22 2.15 23.70 5.37
CA GLY B 22 2.01 23.38 6.77
C GLY B 22 3.27 23.41 7.61
N CYS B 23 4.29 24.13 7.15
CA CYS B 23 5.55 24.27 7.87
C CYS B 23 5.74 25.71 8.32
N THR B 24 6.69 25.88 9.24
CA THR B 24 6.97 27.19 9.81
C THR B 24 7.44 28.18 8.74
N GLU B 25 8.08 27.70 7.67
CA GLU B 25 8.56 28.61 6.65
C GLU B 25 7.41 29.28 5.92
N ASN B 26 6.32 28.55 5.68
CA ASN B 26 5.25 29.04 4.81
C ASN B 26 3.98 29.42 5.56
N LYS B 27 3.87 29.07 6.84
CA LYS B 27 2.92 29.69 7.77
C LYS B 27 1.48 29.57 7.29
N LEU B 28 1.13 28.42 6.72
CA LEU B 28 -0.22 28.13 6.23
C LEU B 28 -0.71 29.13 5.19
N GLY B 29 0.19 29.91 4.60
CA GLY B 29 -0.23 30.91 3.63
C GLY B 29 -0.96 32.09 4.23
N ILE B 30 -0.91 32.28 5.55
CA ILE B 30 -1.72 33.31 6.20
C ILE B 30 -0.91 34.46 6.78
N ALA B 31 0.41 34.46 6.63
CA ALA B 31 1.22 35.43 7.37
C ALA B 31 0.91 36.85 6.92
N ASN B 32 0.89 37.11 5.61
CA ASN B 32 0.61 38.48 5.17
C ASN B 32 -0.83 38.87 5.46
N TRP B 33 -1.77 37.93 5.34
CA TRP B 33 -3.16 38.20 5.67
C TRP B 33 -3.33 38.58 7.14
N LEU B 34 -2.62 37.91 8.06
CA LEU B 34 -2.67 38.29 9.47
C LEU B 34 -2.03 39.64 9.71
N LYS B 35 -0.85 39.89 9.12
CA LYS B 35 -0.15 41.14 9.30
C LYS B 35 -1.00 42.31 8.82
N ASP B 36 -1.68 42.16 7.68
CA ASP B 36 -2.52 43.23 7.15
C ASP B 36 -3.68 43.58 8.06
N GLN B 37 -4.10 42.64 8.90
CA GLN B 37 -5.16 42.90 9.87
C GLN B 37 -4.63 43.43 11.17
N GLY B 38 -3.32 43.66 11.29
CA GLY B 38 -2.76 44.20 12.50
C GLY B 38 -2.43 43.19 13.57
N HIS B 39 -2.50 41.89 13.28
CA HIS B 39 -2.16 40.88 14.27
C HIS B 39 -0.66 40.59 14.28
N GLU B 40 -0.18 40.15 15.44
CA GLU B 40 1.19 39.72 15.64
C GLU B 40 1.25 38.20 15.56
N LEU B 41 1.99 37.65 14.61
CA LEU B 41 2.09 36.21 14.43
C LEU B 41 3.48 35.78 14.85
N ILE B 42 3.53 34.94 15.89
CA ILE B 42 4.74 34.25 16.29
C ILE B 42 4.69 32.85 15.71
N THR B 43 5.72 32.45 14.97
CA THR B 43 5.75 31.14 14.35
C THR B 43 6.94 30.39 14.90
N THR B 44 6.74 29.14 15.29
CA THR B 44 7.82 28.37 15.85
C THR B 44 7.54 26.88 15.77
N SER B 45 8.60 26.09 15.77
CA SER B 45 8.54 24.65 15.99
C SER B 45 9.02 24.30 17.39
N ASP B 46 9.50 25.30 18.14
CA ASP B 46 10.11 25.07 19.46
C ASP B 46 9.02 24.97 20.52
N LYS B 47 8.64 23.75 20.88
CA LYS B 47 7.43 23.49 21.64
C LYS B 47 7.62 22.66 22.90
N GLU B 48 8.86 22.30 23.24
CA GLU B 48 9.15 21.47 24.40
C GLU B 48 10.15 22.17 25.29
N GLY B 49 9.92 22.11 26.58
CA GLY B 49 10.86 22.67 27.54
C GLY B 49 10.38 24.00 28.10
N GLY B 50 10.73 24.25 29.35
CA GLY B 50 10.13 25.35 30.10
C GLY B 50 10.33 26.71 29.46
N ASN B 51 11.42 26.92 28.72
CA ASN B 51 11.67 28.19 28.05
C ASN B 51 11.65 28.08 26.54
N SER B 52 10.88 27.12 26.01
CA SER B 52 10.57 27.06 24.59
C SER B 52 9.97 28.38 24.13
N VAL B 53 10.08 28.66 22.83
CA VAL B 53 9.44 29.85 22.28
C VAL B 53 7.93 29.79 22.51
N LEU B 54 7.35 28.60 22.41
CA LEU B 54 5.93 28.46 22.72
C LEU B 54 5.63 28.96 24.13
N ASP B 55 6.39 28.49 25.11
CA ASP B 55 6.11 28.88 26.49
C ASP B 55 6.37 30.34 26.73
N GLN B 56 7.32 30.93 26.00
CA GLN B 56 7.57 32.37 26.17
C GLN B 56 6.36 33.20 25.80
N HIS B 57 5.53 32.72 24.88
CA HIS B 57 4.46 33.52 24.32
C HIS B 57 3.07 33.10 24.80
N ILE B 58 2.98 31.98 25.51
CA ILE B 58 1.70 31.48 26.00
C ILE B 58 1.00 32.52 26.87
N PRO B 59 1.68 33.21 27.77
CA PRO B 59 0.95 34.10 28.70
C PRO B 59 0.11 35.19 28.04
N ASP B 60 0.47 35.72 26.87
CA ASP B 60 -0.35 36.76 26.25
C ASP B 60 -0.85 36.36 24.86
N ALA B 61 -0.82 35.09 24.52
CA ALA B 61 -1.39 34.64 23.26
C ALA B 61 -2.92 34.69 23.32
N ASP B 62 -3.55 35.39 22.36
CA ASP B 62 -5.00 35.31 22.21
C ASP B 62 -5.41 34.02 21.53
N ILE B 63 -4.62 33.57 20.56
CA ILE B 63 -4.94 32.41 19.74
C ILE B 63 -3.69 31.58 19.63
N ILE B 64 -3.83 30.26 19.72
CA ILE B 64 -2.74 29.34 19.41
C ILE B 64 -3.20 28.45 18.27
N ILE B 65 -2.42 28.38 17.20
CA ILE B 65 -2.69 27.51 16.06
C ILE B 65 -1.70 26.37 16.15
N THR B 66 -2.22 25.14 16.13
CA THR B 66 -1.44 23.93 16.25
C THR B 66 -1.64 23.08 15.00
N THR B 67 -0.87 22.00 14.92
CA THR B 67 -1.02 21.03 13.87
C THR B 67 -0.68 19.66 14.43
N PRO B 68 -1.44 18.61 14.13
CA PRO B 68 -1.20 17.32 14.81
C PRO B 68 0.18 16.73 14.56
N PHE B 69 0.78 17.02 13.41
CA PHE B 69 2.00 16.36 12.98
C PHE B 69 3.19 16.84 13.76
N HIS B 70 3.05 17.98 14.42
CA HIS B 70 4.08 18.53 15.28
C HIS B 70 3.35 19.25 16.40
N PRO B 71 2.76 18.48 17.32
CA PRO B 71 1.66 19.02 18.14
C PRO B 71 2.16 19.76 19.36
N ALA B 72 1.74 21.02 19.49
CA ALA B 72 1.94 21.74 20.75
C ALA B 72 1.02 21.12 21.80
N TYR B 73 1.61 20.60 22.86
CA TYR B 73 0.80 19.95 23.90
C TYR B 73 0.29 21.03 24.84
N ILE B 74 -0.98 21.38 24.65
CA ILE B 74 -1.60 22.47 25.41
C ILE B 74 -2.16 21.82 26.67
N THR B 75 -1.27 21.60 27.63
CA THR B 75 -1.51 20.91 28.88
C THR B 75 -2.21 21.84 29.85
N LYS B 76 -2.74 21.25 30.92
CA LYS B 76 -3.40 22.08 31.93
C LYS B 76 -2.43 23.10 32.53
N GLU B 77 -1.16 22.73 32.69
CA GLU B 77 -0.18 23.68 33.20
C GLU B 77 -0.04 24.88 32.28
N ARG B 78 0.01 24.63 30.96
CA ARG B 78 0.10 25.72 30.02
C ARG B 78 -1.19 26.54 29.98
N ILE B 79 -2.34 25.88 30.05
CA ILE B 79 -3.62 26.59 30.03
C ILE B 79 -3.69 27.52 31.22
N ASP B 80 -3.20 27.08 32.39
CA ASP B 80 -3.24 27.92 33.57
C ASP B 80 -2.38 29.18 33.45
N LYS B 81 -1.37 29.16 32.58
CA LYS B 81 -0.55 30.34 32.32
C LYS B 81 -1.06 31.18 31.16
N ALA B 82 -2.00 30.65 30.37
CA ALA B 82 -2.45 31.28 29.12
C ALA B 82 -3.59 32.25 29.41
N LYS B 83 -3.23 33.42 29.93
CA LYS B 83 -4.23 34.30 30.53
C LYS B 83 -5.13 34.99 29.50
N LYS B 84 -4.66 35.13 28.26
CA LYS B 84 -5.43 35.77 27.21
C LYS B 84 -6.02 34.76 26.22
N LEU B 85 -5.77 33.47 26.40
CA LEU B 85 -6.13 32.49 25.38
C LEU B 85 -7.63 32.36 25.23
N LYS B 86 -8.10 32.48 23.99
CA LYS B 86 -9.50 32.39 23.68
C LYS B 86 -9.82 31.30 22.68
N LEU B 87 -8.86 30.90 21.85
CA LEU B 87 -9.11 30.00 20.72
C LEU B 87 -7.85 29.19 20.46
N VAL B 88 -8.03 27.88 20.35
CA VAL B 88 -6.99 26.99 19.85
C VAL B 88 -7.53 26.39 18.56
N VAL B 89 -6.73 26.48 17.50
CA VAL B 89 -7.08 25.94 16.21
C VAL B 89 -6.16 24.78 15.93
N VAL B 90 -6.70 23.77 15.28
CA VAL B 90 -5.94 22.60 14.84
C VAL B 90 -5.95 22.59 13.33
N ALA B 91 -4.78 22.83 12.74
CA ALA B 91 -4.56 22.78 11.29
C ALA B 91 -4.37 21.32 10.93
N GLY B 92 -5.50 20.63 10.75
CA GLY B 92 -5.55 19.20 10.66
C GLY B 92 -6.77 18.71 11.41
N VAL B 93 -6.74 17.48 11.89
CA VAL B 93 -7.88 16.82 12.50
C VAL B 93 -7.36 16.09 13.72
N GLY B 94 -8.04 16.28 14.85
CA GLY B 94 -7.73 15.63 16.11
C GLY B 94 -7.20 16.63 17.11
N SER B 95 -7.93 16.85 18.21
CA SER B 95 -7.61 17.94 19.15
C SER B 95 -7.08 17.41 20.48
N ASP B 96 -6.69 16.15 20.52
CA ASP B 96 -6.29 15.47 21.77
C ASP B 96 -4.99 15.99 22.35
N HIS B 97 -4.16 16.72 21.60
CA HIS B 97 -2.98 17.34 22.16
C HIS B 97 -3.30 18.53 23.05
N ILE B 98 -4.57 18.93 23.11
CA ILE B 98 -5.05 19.96 24.01
C ILE B 98 -5.76 19.24 25.14
N ASP B 99 -5.60 19.71 26.38
CA ASP B 99 -6.31 19.06 27.49
C ASP B 99 -7.75 19.56 27.50
N LEU B 100 -8.55 18.95 26.62
CA LEU B 100 -9.95 19.34 26.44
C LEU B 100 -10.76 19.16 27.71
N ASP B 101 -10.54 18.04 28.40
CA ASP B 101 -11.29 17.81 29.63
C ASP B 101 -10.99 18.86 30.68
N TYR B 102 -9.73 19.27 30.81
CA TYR B 102 -9.41 20.31 31.80
C TYR B 102 -10.12 21.61 31.44
N ILE B 103 -10.08 22.01 30.16
CA ILE B 103 -10.79 23.22 29.75
C ILE B 103 -12.25 23.12 30.14
N ASN B 104 -12.87 22.00 29.81
CA ASN B 104 -14.31 21.82 30.00
C ASN B 104 -14.65 21.75 31.49
N GLN B 105 -13.91 20.96 32.24
CA GLN B 105 -14.26 20.70 33.63
C GLN B 105 -13.95 21.85 34.55
N THR B 106 -13.06 22.77 34.15
CA THR B 106 -12.72 23.91 34.98
C THR B 106 -13.25 25.24 34.43
N GLY B 107 -14.13 25.19 33.45
CA GLY B 107 -14.81 26.38 32.98
C GLY B 107 -13.93 27.37 32.26
N LYS B 108 -12.89 26.92 31.57
CA LYS B 108 -12.06 27.83 30.79
C LYS B 108 -12.79 28.20 29.51
N LYS B 109 -12.89 29.50 29.24
CA LYS B 109 -13.68 29.98 28.11
C LYS B 109 -12.80 30.00 26.85
N ILE B 110 -12.47 28.80 26.39
CA ILE B 110 -11.58 28.58 25.26
C ILE B 110 -12.30 27.72 24.25
N SER B 111 -12.34 28.18 23.00
CA SER B 111 -12.88 27.39 21.93
C SER B 111 -11.77 26.60 21.27
N VAL B 112 -12.11 25.41 20.81
CA VAL B 112 -11.15 24.53 20.13
C VAL B 112 -11.80 24.10 18.83
N LEU B 113 -11.15 24.45 17.72
CA LEU B 113 -11.68 24.24 16.39
C LEU B 113 -10.65 23.46 15.59
N GLU B 114 -11.12 22.53 14.77
CA GLU B 114 -10.25 21.76 13.88
C GLU B 114 -10.87 21.74 12.48
N VAL B 115 -10.08 21.38 11.47
CA VAL B 115 -10.55 21.43 10.09
C VAL B 115 -11.10 20.07 9.70
N THR B 116 -12.29 19.77 10.21
CA THR B 116 -12.90 18.47 10.03
C THR B 116 -13.01 18.15 8.55
N GLY B 117 -12.72 16.89 8.22
CA GLY B 117 -12.81 16.40 6.86
C GLY B 117 -11.65 16.77 5.97
N SER B 118 -10.71 17.58 6.42
CA SER B 118 -9.71 18.12 5.49
C SER B 118 -8.74 17.05 5.02
N ASN B 119 -8.55 15.99 5.80
CA ASN B 119 -7.56 14.98 5.45
C ASN B 119 -8.03 13.59 5.82
N VAL B 120 -9.36 13.41 5.85
CA VAL B 120 -9.94 12.11 6.15
C VAL B 120 -9.73 11.13 4.98
N VAL B 121 -9.82 11.60 3.75
CA VAL B 121 -9.47 10.73 2.64
C VAL B 121 -8.01 10.31 2.75
N SER B 122 -7.13 11.26 3.08
CA SER B 122 -5.70 10.99 3.16
C SER B 122 -5.42 9.91 4.20
N GLY B 123 -6.06 10.02 5.37
CA GLY B 123 -5.91 9.01 6.40
C GLY B 123 -6.44 7.65 5.97
N ALA B 124 -7.62 7.63 5.35
CA ALA B 124 -8.19 6.36 4.90
C ALA B 124 -7.29 5.71 3.86
N GLU B 125 -6.75 6.50 2.93
CA GLU B 125 -5.80 5.94 1.97
C GLU B 125 -4.62 5.32 2.68
N HIS B 126 -4.12 5.98 3.72
CA HIS B 126 -2.96 5.48 4.42
C HIS B 126 -3.27 4.17 5.13
N VAL B 127 -4.48 4.04 5.67
CA VAL B 127 -4.92 2.78 6.27
C VAL B 127 -4.90 1.65 5.24
N LEU B 128 -5.53 1.87 4.09
CA LEU B 128 -5.52 0.85 3.03
C LEU B 128 -4.10 0.49 2.65
N MET B 129 -3.25 1.51 2.48
CA MET B 129 -1.86 1.27 2.11
C MET B 129 -1.16 0.42 3.16
N THR B 130 -1.37 0.75 4.43
CA THR B 130 -0.67 0.06 5.51
C THR B 130 -1.18 -1.37 5.66
N MET B 131 -2.50 -1.56 5.54
CA MET B 131 -3.06 -2.91 5.53
C MET B 131 -2.40 -3.74 4.44
N LEU B 132 -2.38 -3.23 3.22
CA LEU B 132 -1.76 -3.97 2.13
C LEU B 132 -0.29 -4.24 2.38
N VAL B 133 0.46 -3.21 2.82
CA VAL B 133 1.89 -3.39 3.07
C VAL B 133 2.13 -4.49 4.09
N LEU B 134 1.33 -4.51 5.17
CA LEU B 134 1.54 -5.52 6.20
C LEU B 134 1.11 -6.90 5.72
N VAL B 135 -0.10 -7.01 5.18
CA VAL B 135 -0.63 -8.31 4.79
C VAL B 135 0.23 -8.93 3.71
N ARG B 136 0.69 -8.10 2.76
CA ARG B 136 1.47 -8.60 1.64
C ARG B 136 2.97 -8.61 1.90
N ASN B 137 3.40 -8.24 3.10
CA ASN B 137 4.80 -8.39 3.52
C ASN B 137 5.75 -7.55 2.66
N PHE B 138 5.31 -6.33 2.31
CA PHE B 138 6.07 -5.47 1.42
C PHE B 138 7.40 -4.98 1.99
N VAL B 139 7.46 -4.62 3.27
CA VAL B 139 8.66 -3.97 3.78
C VAL B 139 9.88 -4.86 3.64
N PRO B 140 9.89 -6.10 4.12
CA PRO B 140 11.09 -6.93 3.94
C PRO B 140 11.35 -7.23 2.49
N ALA B 141 10.30 -7.23 1.66
CA ALA B 141 10.48 -7.48 0.24
C ALA B 141 11.29 -6.38 -0.41
N HIS B 142 10.95 -5.13 -0.13
CA HIS B 142 11.72 -4.01 -0.65
C HIS B 142 13.13 -4.00 -0.08
N GLU B 143 13.25 -4.27 1.23
CA GLU B 143 14.58 -4.31 1.85
C GLU B 143 15.48 -5.33 1.16
N GLN B 144 14.93 -6.49 0.78
CA GLN B 144 15.74 -7.50 0.11
C GLN B 144 16.33 -6.94 -1.17
N ILE B 145 15.52 -6.19 -1.92
CA ILE B 145 15.97 -5.66 -3.19
C ILE B 145 17.07 -4.64 -3.00
N ILE B 146 16.90 -3.69 -2.09
CA ILE B 146 17.89 -2.64 -1.97
C ILE B 146 19.14 -3.15 -1.27
N ASN B 147 19.08 -4.32 -0.62
CA ASN B 147 20.25 -4.96 -0.06
C ASN B 147 20.92 -5.92 -1.05
N HIS B 148 20.47 -5.93 -2.30
CA HIS B 148 21.09 -6.67 -3.40
C HIS B 148 20.94 -8.17 -3.28
N ASP B 149 19.87 -8.62 -2.63
CA ASP B 149 19.55 -10.03 -2.47
C ASP B 149 18.38 -10.44 -3.36
N TRP B 150 18.10 -11.74 -3.39
CA TRP B 150 16.96 -12.28 -4.15
C TRP B 150 16.60 -13.62 -3.56
N GLU B 151 15.45 -13.69 -2.87
CA GLU B 151 15.01 -14.94 -2.27
C GLU B 151 13.50 -14.84 -2.10
N VAL B 152 12.76 -15.32 -3.10
CA VAL B 152 11.31 -15.18 -3.11
C VAL B 152 10.70 -15.79 -1.85
N ALA B 153 11.16 -16.97 -1.44
CA ALA B 153 10.54 -17.66 -0.31
C ALA B 153 10.70 -16.91 1.00
N ALA B 154 11.74 -16.09 1.15
CA ALA B 154 11.90 -15.33 2.38
C ALA B 154 10.76 -14.35 2.59
N ILE B 155 10.12 -13.92 1.50
CA ILE B 155 8.99 -13.01 1.56
C ILE B 155 7.68 -13.76 1.52
N ALA B 156 7.56 -14.72 0.60
CA ALA B 156 6.30 -15.42 0.39
C ALA B 156 5.86 -16.18 1.64
N LYS B 157 6.81 -16.57 2.50
CA LYS B 157 6.45 -17.35 3.68
C LYS B 157 5.53 -16.61 4.63
N ASP B 158 5.43 -15.28 4.51
CA ASP B 158 4.50 -14.54 5.36
C ASP B 158 3.74 -13.51 4.56
N ALA B 159 3.44 -13.82 3.31
CA ALA B 159 2.70 -12.94 2.42
C ALA B 159 1.34 -13.54 2.10
N TYR B 160 0.31 -12.72 2.26
CA TYR B 160 -1.08 -13.11 2.07
C TYR B 160 -1.75 -12.10 1.14
N ASP B 161 -2.94 -12.45 0.66
CA ASP B 161 -3.82 -11.50 0.01
C ASP B 161 -4.78 -10.93 1.06
N ILE B 162 -5.23 -9.69 0.84
CA ILE B 162 -6.27 -9.13 1.71
C ILE B 162 -7.62 -9.75 1.40
N GLU B 163 -7.85 -10.18 0.17
CA GLU B 163 -9.07 -10.91 -0.15
C GLU B 163 -9.29 -12.03 0.87
N GLY B 164 -10.53 -12.20 1.30
CA GLY B 164 -10.87 -13.31 2.15
C GLY B 164 -10.58 -13.10 3.63
N LYS B 165 -10.07 -11.93 4.00
CA LYS B 165 -9.80 -11.63 5.40
C LYS B 165 -10.99 -10.91 6.01
N THR B 166 -11.16 -11.08 7.32
CA THR B 166 -12.18 -10.38 8.08
C THR B 166 -11.52 -9.15 8.69
N ILE B 167 -12.11 -7.99 8.46
CA ILE B 167 -11.49 -6.70 8.79
C ILE B 167 -12.44 -5.90 9.68
N ALA B 168 -11.90 -5.37 10.77
CA ALA B 168 -12.69 -4.67 11.78
C ALA B 168 -12.12 -3.28 11.99
N THR B 169 -12.99 -2.27 12.00
CA THR B 169 -12.61 -0.93 12.40
C THR B 169 -13.20 -0.56 13.75
N ILE B 170 -12.36 0.01 14.59
CA ILE B 170 -12.76 0.61 15.87
C ILE B 170 -12.91 2.10 15.59
N GLY B 171 -14.15 2.55 15.48
CA GLY B 171 -14.45 3.85 14.95
C GLY B 171 -14.88 3.78 13.50
N ALA B 172 -16.11 4.22 13.22
CA ALA B 172 -16.66 4.23 11.88
C ALA B 172 -17.21 5.61 11.55
N GLY B 173 -16.37 6.63 11.78
CA GLY B 173 -16.68 7.99 11.41
C GLY B 173 -16.15 8.29 10.03
N ARG B 174 -15.68 9.51 9.82
CA ARG B 174 -15.29 9.91 8.48
C ARG B 174 -14.18 9.03 7.93
N ILE B 175 -13.16 8.74 8.72
CA ILE B 175 -12.06 7.90 8.23
C ILE B 175 -12.46 6.43 8.23
N GLY B 176 -12.93 5.93 9.36
CA GLY B 176 -13.32 4.52 9.43
C GLY B 176 -14.28 4.10 8.33
N TYR B 177 -15.27 4.94 8.04
CA TYR B 177 -16.22 4.58 6.98
C TYR B 177 -15.54 4.63 5.62
N ARG B 178 -14.70 5.64 5.39
CA ARG B 178 -14.00 5.72 4.11
C ARG B 178 -13.06 4.53 3.91
N VAL B 179 -12.46 4.03 4.98
CA VAL B 179 -11.71 2.78 4.93
C VAL B 179 -12.60 1.63 4.49
N LEU B 180 -13.76 1.47 5.14
CA LEU B 180 -14.67 0.42 4.74
C LEU B 180 -15.06 0.54 3.29
N GLU B 181 -15.38 1.74 2.82
CA GLU B 181 -15.75 1.92 1.43
C GLU B 181 -14.64 1.45 0.49
N ARG B 182 -13.39 1.81 0.81
CA ARG B 182 -12.27 1.44 -0.05
C ARG B 182 -12.00 -0.07 0.00
N LEU B 183 -12.36 -0.74 1.09
CA LEU B 183 -12.14 -2.18 1.22
C LEU B 183 -13.14 -3.01 0.44
N VAL B 184 -14.31 -2.47 0.12
CA VAL B 184 -15.36 -3.28 -0.51
C VAL B 184 -14.85 -4.04 -1.73
N PRO B 185 -14.23 -3.41 -2.73
CA PRO B 185 -13.86 -4.14 -3.96
C PRO B 185 -12.68 -5.07 -3.78
N PHE B 186 -12.06 -5.09 -2.60
CA PHE B 186 -10.99 -6.05 -2.30
C PHE B 186 -11.53 -7.41 -1.87
N ASN B 187 -12.85 -7.56 -1.78
CA ASN B 187 -13.50 -8.84 -1.50
C ASN B 187 -13.04 -9.41 -0.17
N PRO B 188 -13.15 -8.63 0.90
CA PRO B 188 -12.88 -9.18 2.23
C PRO B 188 -13.95 -10.21 2.53
N LYS B 189 -13.64 -11.10 3.47
CA LYS B 189 -14.66 -12.04 3.92
C LYS B 189 -15.80 -11.31 4.58
N GLU B 190 -15.48 -10.35 5.43
CA GLU B 190 -16.49 -9.53 6.06
C GLU B 190 -15.85 -8.27 6.62
N LEU B 191 -16.64 -7.20 6.64
CA LEU B 191 -16.26 -5.94 7.26
C LEU B 191 -17.10 -5.74 8.52
N LEU B 192 -16.41 -5.42 9.62
CA LEU B 192 -17.00 -5.24 10.94
C LEU B 192 -16.65 -3.86 11.47
N TYR B 193 -17.52 -3.32 12.33
CA TYR B 193 -17.18 -2.08 12.99
C TYR B 193 -17.73 -2.06 14.41
N TYR B 194 -17.04 -1.30 15.25
CA TYR B 194 -17.41 -1.09 16.65
C TYR B 194 -17.34 0.42 16.86
N ASP B 195 -18.46 1.02 17.25
CA ASP B 195 -18.56 2.47 17.47
C ASP B 195 -19.81 2.70 18.29
N TYR B 196 -19.74 3.54 19.31
CA TYR B 196 -20.96 3.84 20.05
C TYR B 196 -21.97 4.60 19.21
N GLN B 197 -21.54 5.18 18.09
CA GLN B 197 -22.44 5.79 17.14
C GLN B 197 -22.63 4.76 16.04
N ALA B 198 -23.85 4.26 15.90
CA ALA B 198 -24.12 3.34 14.82
C ALA B 198 -24.03 4.05 13.47
N LEU B 199 -23.64 3.30 12.46
CA LEU B 199 -23.80 3.79 11.10
C LEU B 199 -25.28 3.72 10.74
N PRO B 200 -25.76 4.64 9.92
CA PRO B 200 -27.11 4.46 9.35
C PRO B 200 -27.17 3.14 8.61
N LYS B 201 -28.35 2.50 8.65
CA LYS B 201 -28.48 1.22 7.97
C LYS B 201 -28.07 1.33 6.50
N ASP B 202 -28.46 2.43 5.85
CA ASP B 202 -28.08 2.62 4.44
C ASP B 202 -26.56 2.62 4.28
N ALA B 203 -25.86 3.28 5.20
CA ALA B 203 -24.41 3.30 5.14
C ALA B 203 -23.82 1.91 5.40
N GLU B 204 -24.36 1.19 6.40
CA GLU B 204 -23.94 -0.17 6.67
C GLU B 204 -24.09 -1.03 5.43
N GLU B 205 -25.27 -0.99 4.81
CA GLU B 205 -25.54 -1.87 3.69
C GLU B 205 -24.66 -1.55 2.49
N LYS B 206 -24.32 -0.28 2.29
CA LYS B 206 -23.47 0.09 1.16
C LYS B 206 -22.14 -0.64 1.21
N VAL B 207 -21.54 -0.74 2.39
CA VAL B 207 -20.26 -1.41 2.56
C VAL B 207 -20.41 -2.82 3.10
N GLY B 208 -21.64 -3.33 3.25
CA GLY B 208 -21.85 -4.65 3.81
C GLY B 208 -21.30 -4.84 5.21
N ALA B 209 -21.30 -3.80 6.03
CA ALA B 209 -20.67 -3.87 7.34
C ALA B 209 -21.63 -4.43 8.39
N ARG B 210 -21.07 -5.15 9.34
CA ARG B 210 -21.81 -5.65 10.49
C ARG B 210 -21.31 -4.98 11.76
N ARG B 211 -22.23 -4.43 12.54
CA ARG B 211 -21.87 -3.83 13.81
C ARG B 211 -21.70 -4.91 14.87
N VAL B 212 -20.61 -4.81 15.61
CA VAL B 212 -20.34 -5.64 16.78
C VAL B 212 -20.31 -4.72 17.98
N GLU B 213 -21.09 -5.07 19.01
CA GLU B 213 -21.26 -4.13 20.12
C GLU B 213 -20.29 -4.36 21.27
N ASN B 214 -19.51 -5.44 21.24
CA ASN B 214 -18.53 -5.75 22.26
C ASN B 214 -17.16 -5.79 21.60
N ILE B 215 -16.21 -5.04 22.15
CA ILE B 215 -14.91 -4.86 21.49
C ILE B 215 -14.13 -6.16 21.46
N GLU B 216 -14.23 -6.97 22.51
CA GLU B 216 -13.51 -8.24 22.55
C GLU B 216 -14.06 -9.21 21.52
N GLU B 217 -15.39 -9.22 21.34
CA GLU B 217 -16.00 -10.01 20.30
C GLU B 217 -15.54 -9.55 18.92
N LEU B 218 -15.41 -8.24 18.73
CA LEU B 218 -14.94 -7.68 17.46
C LEU B 218 -13.53 -8.17 17.13
N VAL B 219 -12.58 -7.98 18.05
CA VAL B 219 -11.20 -8.25 17.69
C VAL B 219 -10.94 -9.74 17.60
N ALA B 220 -11.72 -10.54 18.32
CA ALA B 220 -11.46 -11.98 18.35
C ALA B 220 -11.65 -12.67 17.01
N GLN B 221 -12.46 -12.08 16.12
CA GLN B 221 -12.77 -12.69 14.84
C GLN B 221 -12.08 -11.98 13.68
N ALA B 222 -11.28 -10.95 13.96
CA ALA B 222 -10.71 -10.10 12.90
C ALA B 222 -9.30 -10.51 12.56
N ASP B 223 -9.03 -10.75 11.26
CA ASP B 223 -7.67 -10.89 10.79
C ASP B 223 -6.94 -9.56 10.80
N ILE B 224 -7.66 -8.46 10.53
CA ILE B 224 -7.08 -7.12 10.47
C ILE B 224 -7.95 -6.23 11.33
N VAL B 225 -7.31 -5.44 12.20
CA VAL B 225 -7.98 -4.44 13.01
C VAL B 225 -7.39 -3.09 12.66
N THR B 226 -8.26 -2.10 12.48
CA THR B 226 -7.81 -0.72 12.23
C THR B 226 -8.48 0.21 13.24
N ILE B 227 -7.69 1.15 13.76
CA ILE B 227 -8.15 2.11 14.76
C ILE B 227 -8.45 3.43 14.07
N ASN B 228 -9.68 3.93 14.21
CA ASN B 228 -10.13 5.16 13.56
C ASN B 228 -11.08 5.94 14.46
N ALA B 229 -10.73 6.04 15.74
CA ALA B 229 -11.45 6.85 16.70
C ALA B 229 -10.53 7.95 17.21
N PRO B 230 -11.10 9.04 17.73
CA PRO B 230 -10.27 10.09 18.30
C PRO B 230 -9.71 9.58 19.61
N LEU B 231 -8.65 10.26 20.07
CA LEU B 231 -8.08 10.00 21.39
C LEU B 231 -8.84 10.83 22.43
N HIS B 232 -9.44 10.15 23.40
CA HIS B 232 -10.10 10.79 24.53
C HIS B 232 -10.06 9.79 25.69
N ALA B 233 -10.64 10.17 26.82
CA ALA B 233 -10.52 9.31 27.99
C ALA B 233 -10.99 7.90 27.72
N GLY B 234 -11.99 7.75 26.85
CA GLY B 234 -12.56 6.46 26.55
C GLY B 234 -11.71 5.58 25.65
N THR B 235 -10.77 6.15 24.90
CA THR B 235 -9.93 5.36 24.01
C THR B 235 -8.47 5.34 24.43
N LYS B 236 -8.07 6.17 25.38
CA LYS B 236 -6.70 6.15 25.82
C LYS B 236 -6.37 4.79 26.44
N GLY B 237 -5.33 4.14 25.92
CA GLY B 237 -4.93 2.83 26.40
C GLY B 237 -5.89 1.72 26.12
N LEU B 238 -6.81 1.91 25.18
CA LEU B 238 -7.82 0.90 24.87
C LEU B 238 -7.16 -0.38 24.39
N ILE B 239 -6.13 -0.26 23.56
CA ILE B 239 -5.43 -1.42 23.01
C ILE B 239 -4.31 -1.76 23.99
N ASN B 240 -4.64 -2.57 24.99
CA ASN B 240 -3.68 -2.99 26.00
C ASN B 240 -3.45 -4.50 25.92
N LYS B 241 -2.60 -4.99 26.83
CA LYS B 241 -2.22 -6.41 26.85
C LYS B 241 -3.45 -7.31 26.88
N GLU B 242 -4.43 -7.00 27.72
CA GLU B 242 -5.55 -7.91 27.88
C GLU B 242 -6.40 -7.98 26.62
N LEU B 243 -6.65 -6.84 25.97
CA LEU B 243 -7.41 -6.89 24.72
C LEU B 243 -6.61 -7.57 23.63
N LEU B 244 -5.30 -7.32 23.56
CA LEU B 244 -4.46 -7.96 22.55
C LEU B 244 -4.49 -9.48 22.71
N SER B 245 -4.59 -9.98 23.94
CA SER B 245 -4.64 -11.43 24.15
C SER B 245 -5.92 -12.02 23.58
N LYS B 246 -6.91 -11.18 23.29
CA LYS B 246 -8.16 -11.61 22.69
C LYS B 246 -8.21 -11.36 21.18
N PHE B 247 -7.20 -10.70 20.62
CA PHE B 247 -7.10 -10.62 19.17
C PHE B 247 -6.93 -12.04 18.63
N LYS B 248 -7.33 -12.22 17.39
CA LYS B 248 -6.99 -13.44 16.69
C LYS B 248 -5.48 -13.56 16.58
N LYS B 249 -4.96 -14.75 16.86
CA LYS B 249 -3.51 -14.92 16.90
C LYS B 249 -2.91 -14.66 15.52
N GLY B 250 -1.94 -13.77 15.47
CA GLY B 250 -1.30 -13.42 14.22
C GLY B 250 -2.04 -12.38 13.42
N ALA B 251 -2.92 -11.60 14.05
CA ALA B 251 -3.63 -10.52 13.40
C ALA B 251 -2.66 -9.40 13.02
N TRP B 252 -3.15 -8.55 12.13
CA TRP B 252 -2.46 -7.32 11.73
C TRP B 252 -3.25 -6.15 12.29
N LEU B 253 -2.54 -5.18 12.87
CA LEU B 253 -3.15 -4.01 13.49
C LEU B 253 -2.60 -2.74 12.85
N VAL B 254 -3.51 -1.87 12.42
CA VAL B 254 -3.20 -0.61 11.76
C VAL B 254 -3.76 0.53 12.62
N ASN B 255 -2.95 1.54 12.88
CA ASN B 255 -3.37 2.68 13.69
C ASN B 255 -2.82 3.97 13.10
N THR B 256 -3.67 4.64 12.35
CA THR B 256 -3.46 6.01 11.89
C THR B 256 -4.28 7.01 12.66
N ALA B 257 -4.83 6.61 13.81
CA ALA B 257 -5.68 7.48 14.59
C ALA B 257 -4.82 8.29 15.52
N ARG B 258 -4.46 7.73 16.67
CA ARG B 258 -3.55 8.34 17.64
C ARG B 258 -2.78 7.25 18.35
N GLY B 259 -1.48 7.53 18.60
CA GLY B 259 -0.62 6.52 19.20
C GLY B 259 -1.10 6.07 20.56
N ALA B 260 -1.56 7.01 21.39
CA ALA B 260 -1.89 6.70 22.77
C ALA B 260 -3.17 5.92 22.92
N ILE B 261 -3.91 5.63 21.85
CA ILE B 261 -4.98 4.66 21.94
C ILE B 261 -4.40 3.28 22.24
N CYS B 262 -3.14 3.07 21.94
CA CYS B 262 -2.45 1.81 22.21
C CYS B 262 -1.49 2.01 23.36
N VAL B 263 -1.37 0.99 24.20
CA VAL B 263 -0.27 0.94 25.15
C VAL B 263 0.95 0.50 24.35
N ALA B 264 1.93 1.39 24.23
CA ALA B 264 3.03 1.18 23.28
C ALA B 264 3.76 -0.13 23.55
N GLU B 265 4.15 -0.36 24.79
CA GLU B 265 4.92 -1.57 25.08
C GLU B 265 4.07 -2.82 24.89
N ASP B 266 2.77 -2.75 25.11
CA ASP B 266 1.92 -3.93 24.94
C ASP B 266 1.85 -4.33 23.46
N VAL B 267 1.75 -3.35 22.57
CA VAL B 267 1.77 -3.62 21.13
C VAL B 267 3.09 -4.26 20.72
N ALA B 268 4.22 -3.70 21.17
CA ALA B 268 5.52 -4.24 20.79
C ALA B 268 5.68 -5.67 21.30
N ALA B 269 5.27 -5.95 22.53
CA ALA B 269 5.37 -7.30 23.05
C ALA B 269 4.51 -8.25 22.24
N ALA B 270 3.34 -7.78 21.80
CA ALA B 270 2.46 -8.66 21.05
C ALA B 270 3.04 -8.95 19.66
N LEU B 271 3.72 -7.99 19.06
CA LEU B 271 4.38 -8.23 17.78
C LEU B 271 5.53 -9.21 17.94
N GLU B 272 6.42 -8.96 18.91
CA GLU B 272 7.59 -9.81 19.09
C GLU B 272 7.19 -11.25 19.40
N SER B 273 6.05 -11.45 20.06
CA SER B 273 5.61 -12.77 20.51
C SER B 273 4.79 -13.51 19.45
N GLY B 274 4.30 -12.80 18.43
CA GLY B 274 3.47 -13.39 17.42
C GLY B 274 1.98 -13.25 17.64
N GLN B 275 1.55 -12.66 18.76
CA GLN B 275 0.14 -12.34 18.90
C GLN B 275 -0.33 -11.44 17.77
N LEU B 276 0.51 -10.49 17.36
CA LEU B 276 0.34 -9.79 16.10
C LEU B 276 1.40 -10.27 15.13
N ARG B 277 1.01 -10.40 13.86
CA ARG B 277 1.96 -10.57 12.76
C ARG B 277 2.54 -9.24 12.30
N GLY B 278 1.80 -8.15 12.47
CA GLY B 278 2.27 -6.86 12.01
C GLY B 278 1.55 -5.72 12.68
N TYR B 279 2.26 -4.60 12.81
CA TYR B 279 1.67 -3.34 13.26
C TYR B 279 2.17 -2.24 12.35
N GLY B 280 1.31 -1.27 12.06
CA GLY B 280 1.78 -0.10 11.32
C GLY B 280 0.83 1.06 11.42
N GLY B 281 1.35 2.20 11.01
CA GLY B 281 0.63 3.45 11.07
C GLY B 281 1.63 4.58 11.20
N ASP B 282 1.09 5.79 11.30
CA ASP B 282 1.91 6.98 11.26
C ASP B 282 1.91 7.77 12.56
N VAL B 283 1.19 7.30 13.59
CA VAL B 283 0.92 8.11 14.78
C VAL B 283 1.55 7.49 16.01
N TRP B 284 2.06 8.37 16.88
CA TRP B 284 2.88 8.00 18.01
C TRP B 284 2.53 8.86 19.20
N PHE B 285 2.80 8.33 20.39
CA PHE B 285 2.82 9.21 21.55
C PHE B 285 4.16 9.06 22.24
N PRO B 286 4.86 10.20 22.49
CA PRO B 286 4.52 11.56 22.06
C PRO B 286 5.05 11.84 20.66
N GLN B 287 4.77 13.02 20.11
CA GLN B 287 5.37 13.42 18.84
C GLN B 287 6.09 14.75 18.96
N PRO B 288 7.28 14.86 18.35
CA PRO B 288 8.04 13.82 17.63
C PRO B 288 8.34 12.59 18.48
N ALA B 289 8.37 11.41 17.85
CA ALA B 289 8.63 10.19 18.60
C ALA B 289 10.10 10.16 19.02
N PRO B 290 10.39 9.89 20.30
CA PRO B 290 11.80 9.77 20.70
C PRO B 290 12.54 8.71 19.91
N LYS B 291 13.87 8.86 19.86
CA LYS B 291 14.71 7.85 19.19
C LYS B 291 14.57 6.47 19.82
N ASP B 292 14.24 6.40 21.10
CA ASP B 292 14.12 5.13 21.78
C ASP B 292 12.68 4.58 21.78
N HIS B 293 11.74 5.23 21.08
CA HIS B 293 10.37 4.80 21.18
C HIS B 293 10.29 3.35 20.70
N PRO B 294 9.60 2.48 21.44
CA PRO B 294 9.68 1.04 21.12
C PRO B 294 9.10 0.65 19.77
N TRP B 295 8.25 1.48 19.18
CA TRP B 295 7.68 1.15 17.88
C TRP B 295 8.67 1.34 16.74
N ARG B 296 9.83 1.95 16.97
CA ARG B 296 10.83 2.08 15.92
C ARG B 296 11.46 0.72 15.59
N ASP B 297 11.89 -0.01 16.61
CA ASP B 297 12.72 -1.20 16.42
C ASP B 297 11.96 -2.50 16.56
N MET B 298 10.70 -2.47 16.98
CA MET B 298 9.96 -3.71 17.18
C MET B 298 9.77 -4.40 15.83
N ARG B 299 9.85 -5.73 15.87
CA ARG B 299 9.67 -6.55 14.68
C ARG B 299 9.00 -7.84 15.11
N ASN B 300 8.40 -8.54 14.14
CA ASN B 300 7.95 -9.90 14.37
C ASN B 300 9.15 -10.86 14.32
N LYS B 301 8.85 -12.15 14.47
CA LYS B 301 9.88 -13.17 14.53
C LYS B 301 10.69 -13.26 13.24
N TYR B 302 10.14 -12.79 12.13
CA TYR B 302 10.85 -12.82 10.87
C TYR B 302 11.63 -11.53 10.58
N GLY B 303 11.69 -10.60 11.52
CA GLY B 303 12.36 -9.35 11.28
C GLY B 303 11.54 -8.35 10.50
N ALA B 304 10.22 -8.54 10.43
CA ALA B 304 9.34 -7.68 9.64
C ALA B 304 8.09 -7.33 10.45
N GLY B 305 6.94 -7.14 9.82
CA GLY B 305 5.75 -6.76 10.57
C GLY B 305 5.76 -5.36 11.16
N ASN B 306 6.62 -4.47 10.65
CA ASN B 306 6.66 -3.08 11.09
C ASN B 306 6.48 -2.18 9.87
N ALA B 307 5.36 -1.47 9.85
CA ALA B 307 5.06 -0.52 8.78
C ALA B 307 4.88 0.89 9.33
N MET B 308 5.71 1.26 10.31
CA MET B 308 5.63 2.58 10.90
C MET B 308 6.21 3.65 9.99
N THR B 309 5.60 4.83 10.05
CA THR B 309 6.16 6.03 9.43
C THR B 309 6.05 7.18 10.42
N PRO B 310 6.71 8.31 10.19
N PRO B 310 6.71 8.32 10.18
CA PRO B 310 6.40 9.49 10.99
CA PRO B 310 6.40 9.51 10.98
C PRO B 310 4.98 9.95 10.69
C PRO B 310 4.98 9.95 10.69
N HIS B 311 4.50 10.90 11.48
CA HIS B 311 3.12 11.35 11.37
C HIS B 311 2.99 12.30 10.19
N TYR B 312 2.59 11.73 9.04
CA TYR B 312 2.44 12.52 7.83
C TYR B 312 1.22 12.21 6.98
N SER B 313 0.40 11.21 7.30
CA SER B 313 -0.62 10.83 6.32
C SER B 313 -1.60 11.96 6.09
N GLY B 314 -1.90 12.75 7.12
CA GLY B 314 -2.83 13.83 7.00
C GLY B 314 -2.21 15.14 6.56
N THR B 315 -0.93 15.12 6.18
CA THR B 315 -0.22 16.29 5.70
C THR B 315 0.41 16.04 4.33
N THR B 316 -0.22 15.20 3.52
CA THR B 316 0.13 15.17 2.11
C THR B 316 -0.13 16.55 1.50
N LEU B 317 0.47 16.80 0.36
CA LEU B 317 0.31 18.11 -0.26
C LEU B 317 -1.14 18.39 -0.61
N ASP B 318 -1.89 17.37 -0.98
CA ASP B 318 -3.31 17.58 -1.25
C ASP B 318 -4.05 17.97 0.01
N ALA B 319 -3.72 17.37 1.15
CA ALA B 319 -4.38 17.74 2.40
C ALA B 319 -4.00 19.14 2.87
N GLN B 320 -2.74 19.52 2.72
CA GLN B 320 -2.27 20.74 3.38
C GLN B 320 -3.03 21.97 2.91
N THR B 321 -3.28 22.09 1.60
CA THR B 321 -4.02 23.26 1.15
CA THR B 321 -4.07 23.21 1.07
C THR B 321 -5.43 23.29 1.75
N ARG B 322 -6.06 22.13 1.92
CA ARG B 322 -7.41 22.09 2.49
C ARG B 322 -7.42 22.56 3.93
N TYR B 323 -6.48 22.07 4.77
CA TYR B 323 -6.50 22.53 6.15
C TYR B 323 -5.90 23.92 6.33
N ALA B 324 -5.06 24.38 5.41
CA ALA B 324 -4.63 25.77 5.49
C ALA B 324 -5.80 26.71 5.23
N GLU B 325 -6.55 26.46 4.16
N GLU B 325 -6.57 26.45 4.18
CA GLU B 325 -7.74 27.27 3.88
CA GLU B 325 -7.74 27.28 3.89
C GLU B 325 -8.74 27.19 5.02
C GLU B 325 -8.77 27.18 5.01
N GLY B 326 -8.95 25.99 5.58
CA GLY B 326 -9.90 25.84 6.66
C GLY B 326 -9.48 26.57 7.92
N THR B 327 -8.17 26.63 8.16
CA THR B 327 -7.66 27.41 9.28
C THR B 327 -7.93 28.90 9.08
N LYS B 328 -7.69 29.40 7.86
CA LYS B 328 -8.01 30.79 7.58
C LYS B 328 -9.48 31.07 7.83
N ASN B 329 -10.37 30.16 7.41
CA ASN B 329 -11.81 30.38 7.59
C ASN B 329 -12.18 30.44 9.07
N ILE B 330 -11.62 29.55 9.87
CA ILE B 330 -11.89 29.54 11.30
C ILE B 330 -11.45 30.86 11.92
N LEU B 331 -10.24 31.29 11.56
CA LEU B 331 -9.72 32.54 12.10
C LEU B 331 -10.60 33.73 11.74
N GLU B 332 -11.08 33.77 10.48
CA GLU B 332 -11.95 34.86 10.07
C GLU B 332 -13.24 34.86 10.86
N SER B 333 -13.82 33.67 11.10
CA SER B 333 -15.02 33.59 11.92
C SER B 333 -14.78 34.16 13.31
N PHE B 334 -13.58 33.94 13.85
CA PHE B 334 -13.26 34.47 15.17
C PHE B 334 -13.03 35.98 15.10
N PHE B 335 -12.18 36.45 14.18
CA PHE B 335 -11.78 37.86 14.15
C PHE B 335 -12.97 38.77 13.94
N THR B 336 -13.91 38.36 13.08
CA THR B 336 -15.06 39.18 12.76
C THR B 336 -16.06 39.23 13.90
N GLY B 337 -15.91 38.38 14.91
CA GLY B 337 -16.90 38.28 15.95
C GLY B 337 -18.18 37.59 15.53
N LYS B 338 -18.24 37.08 14.30
CA LYS B 338 -19.43 36.34 13.88
C LYS B 338 -19.47 34.96 14.52
N PHE B 339 -18.30 34.35 14.74
CA PHE B 339 -18.23 33.00 15.28
C PHE B 339 -19.10 32.04 14.47
N ASP B 340 -19.15 32.27 13.16
CA ASP B 340 -19.96 31.44 12.26
C ASP B 340 -19.17 30.25 11.76
N TYR B 341 -18.63 29.51 12.73
CA TYR B 341 -17.85 28.32 12.44
C TYR B 341 -18.73 27.26 11.77
N ARG B 342 -18.12 26.45 10.93
CA ARG B 342 -18.80 25.25 10.47
C ARG B 342 -19.09 24.41 11.71
N PRO B 343 -20.33 23.98 11.92
CA PRO B 343 -20.62 23.23 13.15
C PRO B 343 -19.75 22.01 13.33
N GLN B 344 -19.37 21.33 12.24
CA GLN B 344 -18.57 20.11 12.35
C GLN B 344 -17.13 20.39 12.77
N ASP B 345 -16.68 21.66 12.72
CA ASP B 345 -15.32 22.01 13.12
C ASP B 345 -15.20 22.23 14.62
N ILE B 346 -16.31 22.33 15.33
CA ILE B 346 -16.30 22.80 16.72
C ILE B 346 -16.11 21.61 17.64
N ILE B 347 -14.95 21.58 18.31
CA ILE B 347 -14.72 20.59 19.35
C ILE B 347 -15.28 21.14 20.65
N LEU B 348 -14.70 22.25 21.12
CA LEU B 348 -15.24 22.99 22.24
C LEU B 348 -15.66 24.37 21.78
N LEU B 349 -16.80 24.83 22.26
CA LEU B 349 -17.17 26.24 22.11
C LEU B 349 -17.12 26.88 23.49
N ASN B 350 -16.16 27.77 23.70
CA ASN B 350 -16.00 28.43 25.00
C ASN B 350 -16.04 27.42 26.15
N GLY B 351 -15.32 26.31 25.96
CA GLY B 351 -15.15 25.30 26.99
C GLY B 351 -16.15 24.17 26.96
N GLU B 352 -17.27 24.34 26.26
CA GLU B 352 -18.30 23.31 26.25
C GLU B 352 -18.10 22.36 25.07
N TYR B 353 -18.28 21.07 25.32
CA TYR B 353 -18.17 20.09 24.24
C TYR B 353 -19.33 20.23 23.27
N ILE B 354 -19.01 20.42 21.99
CA ILE B 354 -20.00 20.36 20.92
C ILE B 354 -19.91 19.03 20.17
N THR B 355 -18.69 18.58 19.88
CA THR B 355 -18.54 17.28 19.24
C THR B 355 -19.13 16.18 20.11
N LYS B 356 -19.66 15.16 19.45
CA LYS B 356 -20.12 13.95 20.09
C LYS B 356 -19.12 12.80 19.98
N ALA B 357 -18.01 13.00 19.27
CA ALA B 357 -17.10 11.91 18.93
C ALA B 357 -15.98 11.72 19.93
N TYR B 358 -15.93 12.53 21.00
CA TYR B 358 -14.90 12.46 22.03
C TYR B 358 -15.48 11.91 23.32
N GLY B 359 -16.34 10.90 23.20
CA GLY B 359 -17.02 10.35 24.34
C GLY B 359 -18.35 11.05 24.60
N LYS B 360 -19.09 10.48 25.53
CA LYS B 360 -20.43 10.95 25.86
C LYS B 360 -20.32 12.02 26.93
N HIS B 361 -21.15 13.06 26.82
CA HIS B 361 -21.18 14.12 27.82
C HIS B 361 -22.63 14.49 28.18
PA NAD C . -5.24 -11.44 -19.18
O1A NAD C . -4.88 -12.33 -20.34
O2A NAD C . -6.52 -11.63 -18.49
O5B NAD C . -5.21 -9.92 -19.62
C5B NAD C . -4.14 -9.42 -20.42
C4B NAD C . -4.70 -8.19 -21.21
O4B NAD C . -3.63 -7.63 -21.80
C3B NAD C . -5.66 -8.66 -22.30
O3B NAD C . -6.87 -8.00 -22.26
C2B NAD C . -4.81 -8.32 -23.55
O2B NAD C . -5.70 -8.01 -24.68
C1B NAD C . -4.07 -7.25 -23.20
N9A NAD C . -2.94 -6.92 -24.04
C8A NAD C . -2.13 -7.72 -24.76
N7A NAD C . -1.23 -6.96 -25.42
C5A NAD C . -1.50 -5.67 -25.16
C6A NAD C . -0.92 -4.53 -25.62
N6A NAD C . 0.15 -4.40 -26.50
N1A NAD C . -1.36 -3.39 -25.17
C2A NAD C . -2.40 -3.33 -24.32
N3A NAD C . -3.02 -4.46 -23.88
C4A NAD C . -2.56 -5.64 -24.30
O3 NAD C . -4.02 -11.60 -18.18
PN NAD C . -3.90 -11.15 -16.60
O1N NAD C . -4.50 -9.80 -16.48
O2N NAD C . -4.38 -12.23 -15.72
O5D NAD C . -2.34 -11.08 -16.44
C5D NAD C . -1.57 -10.21 -17.27
C4D NAD C . -0.06 -10.45 -17.06
O4D NAD C . 0.28 -10.13 -15.78
C3D NAD C . 0.24 -11.95 -17.23
O3D NAD C . 0.37 -12.33 -18.57
C2D NAD C . 1.50 -12.02 -16.37
O2D NAD C . 2.65 -11.71 -17.27
C1D NAD C . 1.45 -11.03 -15.41
N1N NAD C . 1.22 -11.51 -14.07
C2N NAD C . 2.12 -11.24 -13.05
C3N NAD C . 1.86 -11.74 -11.78
C7N NAD C . 2.86 -11.46 -10.67
O7N NAD C . 3.06 -12.27 -9.79
N7N NAD C . 3.60 -10.26 -10.79
C4N NAD C . 0.77 -12.54 -11.50
C5N NAD C . -0.14 -12.82 -12.51
C6N NAD C . 0.11 -12.30 -13.80
H51A NAD C . -3.85 -10.10 -21.04
H52A NAD C . -3.40 -9.14 -19.86
H4B NAD C . -5.13 -7.56 -20.62
H3B NAD C . -5.79 -9.62 -22.24
HO3A NAD C . -7.50 -8.57 -22.28
H2B NAD C . -4.23 -9.06 -23.77
HO2A NAD C . -5.66 -8.64 -25.25
H1B NAD C . -4.66 -6.47 -23.14
H8A NAD C . -2.15 -8.64 -24.78
H61A NAD C . 0.69 -3.73 -26.42
H62A NAD C . 0.26 -4.98 -27.12
H2A NAD C . -2.70 -2.48 -24.05
H51N NAD C . -1.78 -10.37 -18.19
H52N NAD C . -1.77 -9.29 -17.04
H4D NAD C . 0.46 -9.91 -17.69
H3D NAD C . -0.46 -12.47 -16.82
HO3N NAD C . 0.44 -13.18 -18.62
H2D NAD C . 1.59 -12.90 -15.97
HO2N NAD C . 3.17 -12.39 -17.31
H1D NAD C . 2.28 -10.52 -15.42
H2N NAD C . 2.88 -10.73 -13.21
H71N NAD C . 4.18 -10.06 -10.21
H72N NAD C . 3.43 -9.72 -11.45
H4N NAD C . 0.63 -12.86 -10.64
H5N NAD C . -0.89 -13.34 -12.34
H6N NAD C . -0.49 -12.49 -14.48
N1 AZI D . 3.79 -14.03 -12.50
N2 AZI D . 3.07 -14.86 -12.14
N3 AZI D . 2.31 -15.69 -11.83
CL CL E . 0.03 -6.00 -29.52
PA NAD F . -14.90 11.38 13.20
O1A NAD F . -15.26 12.29 14.38
O2A NAD F . -15.63 11.55 11.93
O5B NAD F . -15.08 9.86 13.60
C5B NAD F . -14.62 9.38 14.87
C4B NAD F . -15.49 8.13 15.24
O4B NAD F . -14.88 7.60 16.31
C3B NAD F . -16.92 8.54 15.62
O3B NAD F . -17.90 7.85 14.91
C2B NAD F . -16.86 8.15 17.14
O2B NAD F . -18.22 7.79 17.60
C1B NAD F . -16.02 7.13 17.20
N9A NAD F . -15.52 6.78 18.52
C8A NAD F . -15.22 7.58 19.55
N7A NAD F . -14.85 6.83 20.60
C5A NAD F . -14.93 5.54 20.23
C6A NAD F . -14.67 4.40 20.92
N6A NAD F . -14.25 4.28 22.23
N1A NAD F . -14.79 3.24 20.32
C2A NAD F . -15.20 3.18 19.04
N3A NAD F . -15.48 4.31 18.36
C4A NAD F . -15.32 5.50 18.94
O3 NAD F . -13.33 11.52 13.03
PN NAD F . -12.36 11.09 11.78
O1N NAD F . -12.77 9.73 11.30
O2N NAD F . -12.35 12.20 10.78
O5D NAD F . -10.98 11.03 12.51
C5D NAD F . -10.75 10.15 13.62
C4D NAD F . -9.35 10.37 14.24
O4D NAD F . -8.39 10.04 13.34
C3D NAD F . -9.19 11.88 14.57
O3D NAD F . -9.80 12.23 15.79
C2D NAD F . -7.66 11.91 14.54
O2D NAD F . -7.21 11.54 15.92
C1D NAD F . -7.16 10.93 13.65
N1N NAD F . -6.66 11.41 12.40
C2N NAD F . -5.36 11.13 12.04
C3N NAD F . -4.89 11.64 10.84
C7N NAD F . -3.44 11.37 10.46
O7N NAD F . -2.81 12.23 9.85
N7N NAD F . -2.85 10.14 10.89
C4N NAD F . -5.65 12.42 10.01
C5N NAD F . -6.94 12.71 10.35
C6N NAD F . -7.45 12.19 11.56
H51A NAD F . -13.69 9.12 14.81
H52A NAD F . -14.74 10.07 15.55
H4B NAD F . -15.50 7.50 14.51
H3B NAD F . -17.03 9.49 15.52
HO3A NAD F . -18.44 8.41 14.58
H2B NAD F . -16.51 8.90 17.66
HO2A NAD F . -18.76 8.43 17.44
H1B NAD F . -16.44 6.35 16.80
H8A NAD F . -15.27 8.51 19.55
H61A NAD F . -14.71 4.62 22.87
H62A NAD F . -13.51 3.87 22.42
H2A NAD F . -15.30 2.34 18.65
H51N NAD F . -10.81 9.23 13.31
H52N NAD F . -11.42 10.31 14.29
H4D NAD F . -9.26 9.84 15.04
H3D NAD F . -9.55 12.43 13.85
HO3N NAD F . -10.37 12.86 15.65
H2D NAD F . -7.33 12.79 14.29
HO2N NAD F . -6.86 12.23 16.29
H1D NAD F . -6.48 10.40 14.09
H2N NAD F . -4.82 10.63 12.61
H71N NAD F . -3.32 9.57 11.33
H72N NAD F . -2.03 9.97 10.70
H4N NAD F . -5.30 12.74 9.21
H5N NAD F . -7.48 13.22 9.79
H6N NAD F . -8.33 12.38 11.81
N1 AZI G . -4.54 15.60 11.12
N2 AZI G . -4.09 14.77 11.80
N3 AZI G . -3.63 13.94 12.45
CL CL H . -16.09 5.95 24.74
#